data_4IXO
#
_entry.id   4IXO
#
_cell.length_a   57.020
_cell.length_b   91.020
_cell.length_c   72.620
_cell.angle_alpha   90.000
_cell.angle_beta   93.720
_cell.angle_gamma   90.000
#
_symmetry.space_group_name_H-M   'P 1 21 1'
#
loop_
_entity.id
_entity.type
_entity.pdbx_description
1 polymer 'NifS-like protein'
2 non-polymer 1,2-ETHANEDIOL
3 non-polymer 'CALCIUM ION'
4 water water
#
_entity_poly.entity_id   1
_entity_poly.type   'polypeptide(L)'
_entity_poly.pdbx_seq_one_letter_code
;MAHHHHHHMIYLDHNATTFIDPRVKEFIISLMDKELNPSSAHSSGRFAKNLIETVRAQIATALGITLSSREYDITFTSSG
TEGNNLIMKNFYDGDIFISAIEHLSIYNHINYAPNIKVISVNTQGLVDLEHLEELLAQSNTSKKLVSIIMANNESGVLQD
IAEIGKITKKYEAKFHSDLVQGFGRIPINIKALGLDFATISGH(LLP)IGGGQGGAALISSSNFQITPMIIGGGQEKSVR
SGTENVLAIAGFGLASALRTDNISENYIKIKKLQENLEKKLKKYPNVNIVSNNVARLPNTTLITIPNTDAQAKLIGFDLH
NICVSSGSACSSGKISKSHVLTNMGVGEEEAKSSIRISLSHTNTVRDIEAFIEAFEEIYDVIPS
;
_entity_poly.pdbx_strand_id   A,B
#
loop_
_chem_comp.id
_chem_comp.type
_chem_comp.name
_chem_comp.formula
CA non-polymer 'CALCIUM ION' 'Ca 2'
EDO non-polymer 1,2-ETHANEDIOL 'C2 H6 O2'
#
# COMPACT_ATOMS: atom_id res chain seq x y z
N HIS A 8 9.04 -2.28 -31.35
CA HIS A 8 8.00 -3.08 -32.05
C HIS A 8 6.78 -3.34 -31.14
N MET A 9 6.97 -3.48 -29.84
CA MET A 9 5.86 -3.79 -28.92
CA MET A 9 5.86 -3.77 -28.91
C MET A 9 4.84 -2.61 -28.82
N ILE A 10 3.59 -2.90 -29.17
CA ILE A 10 2.53 -1.89 -29.22
C ILE A 10 1.63 -2.12 -28.00
N TYR A 11 1.51 -1.12 -27.14
CA TYR A 11 0.71 -1.30 -25.92
C TYR A 11 -0.62 -0.56 -26.00
N LEU A 12 -1.69 -1.35 -25.97
CA LEU A 12 -3.04 -0.86 -26.14
C LEU A 12 -3.93 -1.40 -25.01
N ASP A 13 -3.38 -1.41 -23.80
CA ASP A 13 -4.04 -1.96 -22.59
C ASP A 13 -3.95 -0.95 -21.41
N HIS A 14 -4.16 0.31 -21.73
CA HIS A 14 -3.94 1.37 -20.80
C HIS A 14 -4.95 1.37 -19.62
N ASN A 15 -6.04 0.65 -19.73
CA ASN A 15 -6.96 0.55 -18.59
C ASN A 15 -6.45 -0.38 -17.52
N ALA A 16 -5.52 -1.24 -17.84
CA ALA A 16 -4.93 -2.14 -16.84
C ALA A 16 -3.88 -1.44 -16.03
N THR A 17 -3.15 -0.55 -16.68
CA THR A 17 -2.13 0.30 -16.05
C THR A 17 -1.53 1.07 -17.21
N THR A 18 -0.82 2.14 -16.90
CA THR A 18 -0.10 2.87 -17.93
C THR A 18 1.26 3.25 -17.40
N PHE A 19 2.16 3.74 -18.28
CA PHE A 19 3.51 4.04 -17.81
C PHE A 19 3.56 5.41 -17.15
N ILE A 20 4.61 5.61 -16.36
CA ILE A 20 4.82 6.83 -15.63
C ILE A 20 5.10 7.94 -16.62
N ASP A 21 4.33 9.00 -16.55
CA ASP A 21 4.58 10.16 -17.40
C ASP A 21 6.05 10.65 -17.21
N PRO A 22 6.75 10.95 -18.32
CA PRO A 22 8.15 11.40 -18.23
C PRO A 22 8.38 12.55 -17.24
N ARG A 23 7.51 13.55 -17.24
CA ARG A 23 7.62 14.63 -16.27
C ARG A 23 7.46 14.11 -14.83
N VAL A 24 6.55 13.17 -14.64
CA VAL A 24 6.37 12.56 -13.32
C VAL A 24 7.60 11.76 -12.91
N LYS A 25 8.19 11.05 -13.88
CA LYS A 25 9.37 10.26 -13.67
C LYS A 25 10.51 11.12 -13.17
N GLU A 26 10.76 12.22 -13.89
CA GLU A 26 11.81 13.16 -13.56
C GLU A 26 11.62 13.70 -12.13
N PHE A 27 10.39 14.02 -11.78
CA PHE A 27 10.10 14.53 -10.44
C PHE A 27 10.36 13.46 -9.36
N ILE A 28 9.90 12.25 -9.58
CA ILE A 28 10.14 11.15 -8.63
C ILE A 28 11.64 10.91 -8.45
N ILE A 29 12.36 10.89 -9.56
CA ILE A 29 13.80 10.64 -9.50
C ILE A 29 14.47 11.73 -8.66
N SER A 30 14.02 12.98 -8.76
CA SER A 30 14.68 14.09 -8.06
C SER A 30 14.61 13.93 -6.56
N LEU A 31 13.61 13.22 -6.09
CA LEU A 31 13.38 13.02 -4.66
C LEU A 31 13.97 11.70 -4.11
N MET A 32 14.60 10.88 -4.96
CA MET A 32 14.94 9.50 -4.57
C MET A 32 16.14 9.31 -3.65
N ASP A 33 16.90 10.35 -3.43
CA ASP A 33 18.01 10.25 -2.48
C ASP A 33 17.61 10.63 -1.07
N LYS A 34 16.35 11.03 -0.86
CA LYS A 34 15.92 11.59 0.42
C LYS A 34 15.34 10.56 1.37
N GLU A 35 15.43 10.87 2.65
CA GLU A 35 14.68 10.17 3.69
C GLU A 35 13.35 10.91 3.80
N LEU A 36 12.26 10.17 3.68
CA LEU A 36 10.94 10.78 3.62
C LEU A 36 9.96 10.12 4.61
N ASN A 37 9.90 10.62 5.84
CA ASN A 37 8.85 10.18 6.77
C ASN A 37 8.09 11.39 7.31
N PRO A 38 6.89 11.62 6.80
CA PRO A 38 6.08 12.76 7.22
C PRO A 38 5.81 12.84 8.73
N SER A 39 5.88 11.71 9.45
CA SER A 39 5.65 11.70 10.89
C SER A 39 6.83 12.23 11.68
N SER A 40 8.01 12.33 11.07
CA SER A 40 9.19 12.81 11.79
C SER A 40 9.15 14.34 11.96
N ALA A 41 9.50 14.81 13.16
CA ALA A 41 9.42 16.25 13.53
C ALA A 41 10.55 17.17 12.97
N HIS A 42 11.67 16.55 12.59
CA HIS A 42 12.81 17.26 12.07
C HIS A 42 12.63 17.73 10.60
N SER A 43 13.66 18.37 10.06
CA SER A 43 13.57 19.00 8.75
C SER A 43 13.24 18.09 7.60
N SER A 44 13.82 16.90 7.62
CA SER A 44 13.53 15.93 6.58
C SER A 44 12.06 15.54 6.63
N GLY A 45 11.55 15.33 7.84
CA GLY A 45 10.20 14.86 8.01
C GLY A 45 9.23 15.94 7.55
N ARG A 46 9.54 17.19 7.86
CA ARG A 46 8.70 18.33 7.52
C ARG A 46 8.69 18.53 6.03
N PHE A 47 9.82 18.29 5.40
CA PHE A 47 9.86 18.32 3.94
C PHE A 47 8.92 17.24 3.35
N ALA A 48 9.01 16.02 3.84
CA ALA A 48 8.12 14.95 3.36
C ALA A 48 6.64 15.30 3.57
N LYS A 49 6.33 15.87 4.72
CA LYS A 49 4.95 16.22 5.07
C LYS A 49 4.44 17.29 4.11
N ASN A 50 5.25 18.33 3.87
CA ASN A 50 4.91 19.35 2.91
C ASN A 50 4.66 18.78 1.52
N LEU A 51 5.45 17.81 1.06
CA LEU A 51 5.14 17.14 -0.22
C LEU A 51 3.72 16.56 -0.27
N ILE A 52 3.35 15.80 0.76
CA ILE A 52 2.08 15.09 0.69
C ILE A 52 0.92 16.06 0.84
N GLU A 53 1.09 17.13 1.62
CA GLU A 53 0.03 18.15 1.75
C GLU A 53 -0.13 18.92 0.42
N THR A 54 0.96 19.18 -0.29
CA THR A 54 0.92 19.77 -1.64
C THR A 54 0.12 18.89 -2.62
N VAL A 55 0.38 17.59 -2.54
CA VAL A 55 -0.39 16.64 -3.34
C VAL A 55 -1.88 16.65 -2.95
N ARG A 56 -2.16 16.68 -1.65
CA ARG A 56 -3.53 16.73 -1.18
C ARG A 56 -4.25 17.89 -1.84
N ALA A 57 -3.64 19.06 -1.87
CA ALA A 57 -4.22 20.21 -2.60
C ALA A 57 -4.29 20.02 -4.11
N GLN A 58 -3.31 19.36 -4.71
CA GLN A 58 -3.39 19.05 -6.16
C GLN A 58 -4.56 18.14 -6.53
N ILE A 59 -4.85 17.14 -5.69
CA ILE A 59 -5.97 16.25 -5.94
C ILE A 59 -7.27 17.02 -5.77
N ALA A 60 -7.35 17.85 -4.74
CA ALA A 60 -8.55 18.64 -4.47
C ALA A 60 -8.89 19.48 -5.67
N THR A 61 -7.90 20.23 -6.14
CA THR A 61 -8.08 21.14 -7.28
C THR A 61 -8.55 20.38 -8.50
N ALA A 62 -7.98 19.21 -8.72
CA ALA A 62 -8.33 18.38 -9.87
C ALA A 62 -9.77 17.88 -9.83
N LEU A 63 -10.36 17.79 -8.64
CA LEU A 63 -11.71 17.27 -8.50
C LEU A 63 -12.69 18.42 -8.22
N GLY A 64 -12.21 19.66 -8.40
CA GLY A 64 -13.04 20.84 -8.25
C GLY A 64 -13.39 21.24 -6.83
N ILE A 65 -12.57 20.82 -5.88
CA ILE A 65 -12.85 21.11 -4.47
C ILE A 65 -11.71 21.83 -3.76
N THR A 66 -12.02 22.47 -2.63
CA THR A 66 -11.09 23.40 -1.95
C THR A 66 -10.95 22.89 -0.52
N LEU A 67 -9.74 22.47 -0.14
CA LEU A 67 -9.53 21.75 1.13
C LEU A 67 -9.79 22.59 2.38
N SER A 68 -9.38 23.87 2.30
CA SER A 68 -9.60 24.85 3.36
C SER A 68 -11.11 25.05 3.66
N SER A 69 -11.97 24.76 2.67
CA SER A 69 -13.41 24.72 2.91
C SER A 69 -13.82 23.62 3.92
N ARG A 70 -12.95 22.62 4.14
CA ARG A 70 -13.21 21.55 5.09
C ARG A 70 -14.60 20.93 4.82
N GLU A 71 -14.96 20.78 3.53
CA GLU A 71 -16.12 20.02 3.10
C GLU A 71 -15.75 18.58 2.74
N TYR A 72 -14.52 18.36 2.28
CA TYR A 72 -14.03 17.05 1.93
C TYR A 72 -12.67 16.80 2.55
N ASP A 73 -12.41 15.52 2.81
CA ASP A 73 -11.16 15.00 3.31
C ASP A 73 -10.60 14.10 2.20
N ILE A 74 -9.27 13.95 2.18
CA ILE A 74 -8.60 13.11 1.22
C ILE A 74 -7.72 12.16 1.98
N THR A 75 -7.96 10.86 1.84
CA THR A 75 -7.17 9.85 2.54
C THR A 75 -6.32 9.06 1.53
N PHE A 76 -5.00 9.13 1.67
CA PHE A 76 -4.10 8.41 0.77
C PHE A 76 -4.06 6.91 1.12
N THR A 77 -4.33 6.08 0.12
CA THR A 77 -4.29 4.64 0.22
C THR A 77 -3.23 4.13 -0.75
N SER A 78 -2.89 2.85 -0.62
CA SER A 78 -1.85 2.28 -1.47
C SER A 78 -2.35 2.03 -2.85
N SER A 79 -3.67 1.91 -3.01
CA SER A 79 -4.28 1.49 -4.27
C SER A 79 -5.75 1.88 -4.32
N GLY A 80 -6.31 1.86 -5.53
CA GLY A 80 -7.75 2.10 -5.70
C GLY A 80 -8.58 0.99 -5.08
N THR A 81 -8.05 -0.24 -5.17
CA THR A 81 -8.66 -1.38 -4.51
C THR A 81 -8.78 -1.13 -3.01
N GLU A 82 -7.72 -0.61 -2.41
CA GLU A 82 -7.76 -0.35 -0.97
C GLU A 82 -8.81 0.70 -0.66
N GLY A 83 -8.87 1.77 -1.43
CA GLY A 83 -9.84 2.81 -1.18
C GLY A 83 -11.29 2.34 -1.28
N ASN A 84 -11.56 1.54 -2.30
CA ASN A 84 -12.87 0.88 -2.45
C ASN A 84 -13.22 -0.04 -1.27
N ASN A 85 -12.27 -0.84 -0.79
CA ASN A 85 -12.51 -1.68 0.39
C ASN A 85 -12.81 -0.85 1.62
N LEU A 86 -12.07 0.24 1.79
CA LEU A 86 -12.23 1.10 2.94
C LEU A 86 -13.62 1.69 3.01
N ILE A 87 -14.11 2.26 1.91
CA ILE A 87 -15.47 2.82 1.93
C ILE A 87 -16.56 1.75 2.07
N MET A 88 -16.41 0.62 1.37
CA MET A 88 -17.38 -0.45 1.48
C MET A 88 -17.47 -1.00 2.91
N LYS A 89 -16.33 -1.23 3.55
CA LYS A 89 -16.36 -1.81 4.92
C LYS A 89 -16.98 -0.84 5.91
N ASN A 90 -16.88 0.44 5.61
CA ASN A 90 -17.52 1.42 6.45
C ASN A 90 -19.04 1.39 6.43
N PHE A 91 -19.63 0.65 5.50
CA PHE A 91 -21.09 0.54 5.41
C PHE A 91 -21.59 -0.91 5.52
N TYR A 92 -20.74 -1.83 5.96
CA TYR A 92 -21.23 -3.21 6.22
C TYR A 92 -22.38 -3.21 7.26
N ASP A 93 -22.33 -2.29 8.20
CA ASP A 93 -23.39 -2.13 9.22
C ASP A 93 -24.64 -1.37 8.74
N GLY A 94 -24.70 -1.02 7.45
CA GLY A 94 -25.91 -0.46 6.84
C GLY A 94 -26.27 -1.23 5.58
N ASP A 95 -27.10 -0.61 4.73
CA ASP A 95 -27.51 -1.19 3.46
C ASP A 95 -26.64 -0.61 2.35
N ILE A 96 -26.09 -1.51 1.51
CA ILE A 96 -25.26 -1.12 0.40
C ILE A 96 -25.95 -1.48 -0.89
N PHE A 97 -25.84 -0.60 -1.88
CA PHE A 97 -26.39 -0.83 -3.22
C PHE A 97 -25.30 -0.53 -4.26
N ILE A 98 -24.99 -1.50 -5.14
CA ILE A 98 -23.91 -1.37 -6.13
C ILE A 98 -24.38 -1.68 -7.54
N SER A 99 -23.75 -1.11 -8.57
CA SER A 99 -24.18 -1.43 -9.94
C SER A 99 -23.76 -2.86 -10.24
N ALA A 100 -24.41 -3.45 -11.24
CA ALA A 100 -24.05 -4.78 -11.67
C ALA A 100 -22.71 -4.83 -12.38
N ILE A 101 -22.10 -3.68 -12.63
CA ILE A 101 -20.87 -3.66 -13.43
C ILE A 101 -19.67 -3.07 -12.71
N GLU A 102 -19.68 -3.10 -11.38
CA GLU A 102 -18.56 -2.56 -10.62
C GLU A 102 -17.28 -3.36 -10.85
N HIS A 103 -16.15 -2.68 -10.63
CA HIS A 103 -14.88 -3.35 -10.57
C HIS A 103 -14.94 -4.38 -9.45
N LEU A 104 -14.17 -5.47 -9.55
CA LEU A 104 -14.22 -6.51 -8.49
C LEU A 104 -13.95 -6.00 -7.07
N SER A 105 -13.15 -4.95 -6.94
CA SER A 105 -12.88 -4.32 -5.63
C SER A 105 -14.11 -3.75 -4.91
N ILE A 106 -15.20 -3.51 -5.64
CA ILE A 106 -16.51 -3.19 -5.05
C ILE A 106 -17.42 -4.42 -5.17
N TYR A 107 -17.44 -5.02 -6.35
CA TYR A 107 -18.39 -6.10 -6.65
C TYR A 107 -18.27 -7.28 -5.69
N ASN A 108 -17.05 -7.68 -5.37
CA ASN A 108 -16.86 -8.89 -4.56
C ASN A 108 -17.30 -8.79 -3.12
N HIS A 109 -17.63 -7.59 -2.68
CA HIS A 109 -18.25 -7.42 -1.40
C HIS A 109 -19.63 -8.08 -1.32
N ILE A 110 -20.20 -8.53 -2.44
CA ILE A 110 -21.41 -9.36 -2.38
C ILE A 110 -21.20 -10.61 -1.52
N ASN A 111 -19.96 -11.10 -1.47
CA ASN A 111 -19.63 -12.30 -0.70
C ASN A 111 -19.32 -12.06 0.77
N TYR A 112 -19.37 -10.81 1.22
CA TYR A 112 -19.01 -10.49 2.62
C TYR A 112 -19.99 -9.60 3.34
N ALA A 113 -20.50 -8.56 2.66
CA ALA A 113 -21.35 -7.60 3.33
C ALA A 113 -22.68 -8.24 3.75
N PRO A 114 -23.16 -7.94 4.97
CA PRO A 114 -24.42 -8.52 5.42
C PRO A 114 -25.64 -8.08 4.61
N ASN A 115 -25.68 -6.83 4.13
CA ASN A 115 -26.85 -6.36 3.41
C ASN A 115 -26.47 -5.53 2.20
N ILE A 116 -26.32 -6.22 1.09
CA ILE A 116 -25.85 -5.58 -0.14
C ILE A 116 -26.73 -6.07 -1.27
N LYS A 117 -27.15 -5.14 -2.12
CA LYS A 117 -28.00 -5.43 -3.26
C LYS A 117 -27.39 -4.90 -4.53
N VAL A 118 -27.59 -5.63 -5.62
CA VAL A 118 -27.03 -5.28 -6.92
C VAL A 118 -28.08 -4.59 -7.80
N ILE A 119 -27.75 -3.40 -8.29
CA ILE A 119 -28.67 -2.63 -9.12
C ILE A 119 -28.41 -3.06 -10.56
N SER A 120 -29.46 -3.43 -11.28
CA SER A 120 -29.30 -3.99 -12.61
C SER A 120 -28.95 -2.91 -13.62
N VAL A 121 -28.36 -3.36 -14.73
CA VAL A 121 -28.11 -2.50 -15.88
C VAL A 121 -28.88 -3.04 -17.09
N ASN A 122 -29.13 -2.17 -18.07
CA ASN A 122 -29.69 -2.60 -19.34
C ASN A 122 -28.60 -3.17 -20.27
N THR A 123 -29.00 -3.54 -21.48
CA THR A 123 -28.12 -4.23 -22.42
C THR A 123 -27.02 -3.32 -23.00
N GLN A 124 -27.12 -2.01 -22.76
CA GLN A 124 -26.04 -1.06 -23.05
C GLN A 124 -25.22 -0.70 -21.81
N GLY A 125 -25.46 -1.35 -20.68
CA GLY A 125 -24.66 -1.10 -19.47
C GLY A 125 -25.05 0.07 -18.57
N LEU A 126 -26.19 0.69 -18.82
CA LEU A 126 -26.66 1.81 -18.04
C LEU A 126 -27.50 1.31 -16.86
N VAL A 127 -27.25 1.91 -15.69
CA VAL A 127 -27.94 1.59 -14.47
C VAL A 127 -29.43 1.88 -14.60
N ASP A 128 -30.23 0.96 -14.11
CA ASP A 128 -31.68 1.12 -14.13
C ASP A 128 -32.09 1.96 -12.92
N LEU A 129 -32.41 3.23 -13.18
CA LEU A 129 -32.68 4.18 -12.10
C LEU A 129 -33.98 3.86 -11.37
N GLU A 130 -34.95 3.29 -12.08
CA GLU A 130 -36.18 2.87 -11.43
C GLU A 130 -35.90 1.74 -10.46
N HIS A 131 -35.02 0.82 -10.83
CA HIS A 131 -34.67 -0.27 -9.94
C HIS A 131 -33.89 0.26 -8.73
N LEU A 132 -33.03 1.25 -8.95
CA LEU A 132 -32.34 1.92 -7.86
C LEU A 132 -33.33 2.52 -6.85
N GLU A 133 -34.33 3.26 -7.34
CA GLU A 133 -35.36 3.87 -6.46
C GLU A 133 -36.10 2.83 -5.66
N GLU A 134 -36.58 1.82 -6.35
CA GLU A 134 -37.26 0.68 -5.76
C GLU A 134 -36.43 0.11 -4.60
N LEU A 135 -35.16 -0.17 -4.87
CA LEU A 135 -34.27 -0.72 -3.84
C LEU A 135 -34.14 0.22 -2.64
N LEU A 136 -33.96 1.51 -2.91
CA LEU A 136 -33.79 2.50 -1.84
C LEU A 136 -35.08 2.67 -1.03
N ALA A 137 -36.22 2.62 -1.70
CA ALA A 137 -37.51 2.76 -1.04
C ALA A 137 -37.81 1.55 -0.14
N GLN A 138 -37.36 0.36 -0.54
CA GLN A 138 -37.53 -0.85 0.29
C GLN A 138 -36.61 -0.94 1.52
N SER A 139 -35.55 -0.12 1.58
CA SER A 139 -34.63 -0.18 2.71
C SER A 139 -35.23 0.43 3.99
N ASN A 140 -34.94 -0.19 5.14
CA ASN A 140 -35.40 0.30 6.44
C ASN A 140 -34.29 0.87 7.32
N THR A 141 -33.06 0.85 6.83
CA THR A 141 -31.93 1.30 7.59
C THR A 141 -31.58 2.71 7.17
N SER A 142 -31.32 3.59 8.12
CA SER A 142 -31.04 4.97 7.75
C SER A 142 -29.62 5.11 7.18
N LYS A 143 -28.69 4.25 7.60
CA LYS A 143 -27.34 4.26 7.04
C LYS A 143 -27.31 3.50 5.72
N LYS A 144 -27.19 4.22 4.62
CA LYS A 144 -27.18 3.63 3.28
C LYS A 144 -26.02 4.13 2.42
N LEU A 145 -25.49 3.24 1.60
CA LEU A 145 -24.44 3.59 0.63
C LEU A 145 -24.82 3.14 -0.77
N VAL A 146 -24.81 4.06 -1.70
CA VAL A 146 -24.94 3.71 -3.10
C VAL A 146 -23.57 3.88 -3.74
N SER A 147 -23.11 2.86 -4.44
CA SER A 147 -21.79 2.91 -5.09
C SER A 147 -21.91 2.53 -6.55
N ILE A 148 -21.62 3.49 -7.43
CA ILE A 148 -21.80 3.32 -8.88
C ILE A 148 -20.62 3.86 -9.67
N ILE A 149 -19.99 2.94 -10.40
CA ILE A 149 -18.78 3.22 -11.16
C ILE A 149 -19.09 4.26 -12.23
N MET A 150 -18.35 5.37 -12.22
CA MET A 150 -18.59 6.44 -13.21
C MET A 150 -18.31 5.98 -14.61
N ALA A 151 -17.12 5.38 -14.80
CA ALA A 151 -16.61 4.96 -16.10
C ALA A 151 -16.11 3.52 -16.02
N ASN A 152 -16.75 2.64 -16.80
CA ASN A 152 -16.49 1.24 -16.64
C ASN A 152 -15.16 0.84 -17.26
N ASN A 153 -14.37 0.04 -16.53
CA ASN A 153 -13.06 -0.36 -16.98
C ASN A 153 -13.02 -1.33 -18.15
N GLU A 154 -14.09 -2.11 -18.34
CA GLU A 154 -14.15 -3.06 -19.46
C GLU A 154 -14.63 -2.40 -20.76
N SER A 155 -15.74 -1.67 -20.66
CA SER A 155 -16.44 -1.15 -21.83
C SER A 155 -16.30 0.34 -22.06
N GLY A 156 -15.92 1.07 -21.01
CA GLY A 156 -15.84 2.54 -21.05
C GLY A 156 -17.17 3.25 -20.82
N VAL A 157 -18.24 2.49 -20.56
CA VAL A 157 -19.57 3.09 -20.46
C VAL A 157 -19.67 4.06 -19.29
N LEU A 158 -20.27 5.22 -19.57
CA LEU A 158 -20.42 6.29 -18.55
C LEU A 158 -21.82 6.29 -17.95
N GLN A 159 -21.92 6.38 -16.64
CA GLN A 159 -23.20 6.52 -15.97
C GLN A 159 -23.50 7.99 -15.76
N ASP A 160 -24.79 8.30 -15.66
CA ASP A 160 -25.22 9.67 -15.42
C ASP A 160 -25.20 9.88 -13.91
N ILE A 161 -24.01 10.13 -13.40
CA ILE A 161 -23.79 10.23 -11.97
C ILE A 161 -24.58 11.37 -11.33
N ALA A 162 -24.71 12.49 -12.03
CA ALA A 162 -25.47 13.63 -11.50
C ALA A 162 -26.94 13.29 -11.31
N GLU A 163 -27.52 12.60 -12.27
CA GLU A 163 -28.90 12.14 -12.12
C GLU A 163 -29.05 11.13 -10.97
N ILE A 164 -28.14 10.17 -10.91
CA ILE A 164 -28.16 9.18 -9.86
C ILE A 164 -28.13 9.91 -8.51
N GLY A 165 -27.31 10.96 -8.42
CA GLY A 165 -27.12 11.70 -7.19
C GLY A 165 -28.38 12.40 -6.67
N LYS A 166 -29.26 12.78 -7.59
CA LYS A 166 -30.54 13.38 -7.20
C LYS A 166 -31.39 12.32 -6.50
N ILE A 167 -31.36 11.10 -7.03
CA ILE A 167 -32.07 9.97 -6.42
C ILE A 167 -31.48 9.59 -5.07
N THR A 168 -30.15 9.53 -4.96
CA THR A 168 -29.55 9.17 -3.68
C THR A 168 -29.84 10.25 -2.62
N LYS A 169 -29.82 11.52 -3.01
CA LYS A 169 -30.15 12.62 -2.08
C LYS A 169 -31.59 12.53 -1.61
N LYS A 170 -32.50 12.16 -2.51
CA LYS A 170 -33.92 12.00 -2.17
C LYS A 170 -34.13 10.96 -1.05
N TYR A 171 -33.39 9.85 -1.08
CA TYR A 171 -33.51 8.81 -0.05
C TYR A 171 -32.46 8.93 1.04
N GLU A 172 -31.72 10.02 1.05
CA GLU A 172 -30.71 10.30 2.08
C GLU A 172 -29.71 9.17 2.17
N ALA A 173 -29.31 8.68 1.01
CA ALA A 173 -28.24 7.68 0.91
C ALA A 173 -26.93 8.39 0.67
N LYS A 174 -25.85 7.85 1.21
CA LYS A 174 -24.56 8.36 0.87
C LYS A 174 -24.21 7.83 -0.53
N PHE A 175 -23.41 8.61 -1.26
CA PHE A 175 -23.15 8.31 -2.66
C PHE A 175 -21.66 8.26 -2.92
N HIS A 176 -21.18 7.09 -3.37
CA HIS A 176 -19.79 6.90 -3.73
C HIS A 176 -19.72 6.54 -5.21
N SER A 177 -18.72 7.06 -5.92
CA SER A 177 -18.42 6.57 -7.25
C SER A 177 -16.95 6.21 -7.41
N ASP A 178 -16.72 5.03 -7.96
CA ASP A 178 -15.35 4.65 -8.37
C ASP A 178 -15.04 5.45 -9.63
N LEU A 179 -14.15 6.44 -9.48
CA LEU A 179 -13.73 7.34 -10.58
C LEU A 179 -12.47 6.90 -11.30
N VAL A 180 -11.97 5.71 -10.99
CA VAL A 180 -10.62 5.36 -11.41
C VAL A 180 -10.36 5.50 -12.94
N GLN A 181 -11.32 5.10 -13.77
CA GLN A 181 -11.13 5.14 -15.22
C GLN A 181 -11.63 6.46 -15.84
N GLY A 182 -12.19 7.32 -15.01
CA GLY A 182 -12.64 8.63 -15.49
C GLY A 182 -11.69 9.75 -15.11
N PHE A 183 -11.09 9.64 -13.92
CA PHE A 183 -10.21 10.72 -13.40
C PHE A 183 -9.08 10.95 -14.39
N GLY A 184 -8.85 12.21 -14.73
CA GLY A 184 -7.80 12.57 -15.65
C GLY A 184 -8.05 12.25 -17.11
N ARG A 185 -9.27 11.82 -17.43
CA ARG A 185 -9.68 11.61 -18.83
C ARG A 185 -10.89 12.44 -19.21
N ILE A 186 -11.87 12.51 -18.33
CA ILE A 186 -13.01 13.41 -18.48
C ILE A 186 -13.15 14.34 -17.25
N PRO A 187 -13.70 15.53 -17.44
CA PRO A 187 -13.84 16.46 -16.31
C PRO A 187 -14.72 15.93 -15.17
N ILE A 188 -14.29 16.17 -13.94
CA ILE A 188 -15.02 15.70 -12.78
C ILE A 188 -15.00 16.73 -11.67
N ASN A 189 -16.20 17.13 -11.25
CA ASN A 189 -16.34 18.01 -10.10
C ASN A 189 -17.18 17.29 -9.06
N ILE A 190 -16.53 16.83 -8.01
CA ILE A 190 -17.17 15.94 -7.06
C ILE A 190 -18.36 16.59 -6.35
N LYS A 191 -18.19 17.85 -6.00
CA LYS A 191 -19.21 18.57 -5.26
C LYS A 191 -20.45 18.77 -6.14
N ALA A 192 -20.22 19.21 -7.38
CA ALA A 192 -21.28 19.39 -8.34
C ALA A 192 -22.04 18.11 -8.61
N LEU A 193 -21.33 16.97 -8.67
CA LEU A 193 -21.99 15.69 -8.95
C LEU A 193 -22.84 15.20 -7.77
N GLY A 194 -22.60 15.76 -6.59
CA GLY A 194 -23.32 15.34 -5.40
C GLY A 194 -22.75 14.07 -4.75
N LEU A 195 -21.46 13.82 -4.92
CA LEU A 195 -20.84 12.65 -4.34
C LEU A 195 -20.41 12.91 -2.90
N ASP A 196 -20.71 11.99 -2.00
CA ASP A 196 -20.07 11.99 -0.67
C ASP A 196 -18.66 11.39 -0.71
N PHE A 197 -18.46 10.41 -1.58
CA PHE A 197 -17.24 9.64 -1.58
C PHE A 197 -16.78 9.34 -3.01
N ALA A 198 -15.47 9.19 -3.18
CA ALA A 198 -14.96 8.85 -4.48
C ALA A 198 -13.60 8.14 -4.38
N THR A 199 -13.33 7.22 -5.28
CA THR A 199 -12.05 6.54 -5.34
C THR A 199 -11.28 6.90 -6.60
N ILE A 200 -9.97 7.15 -6.45
CA ILE A 200 -9.07 7.39 -7.59
C ILE A 200 -7.74 6.69 -7.37
N SER A 201 -7.01 6.46 -8.46
CA SER A 201 -5.78 5.67 -8.41
C SER A 201 -4.71 6.23 -9.33
N GLY A 202 -3.48 6.31 -8.79
CA GLY A 202 -2.40 7.01 -9.44
C GLY A 202 -1.82 6.29 -10.65
N HIS A 203 -1.66 4.97 -10.60
CA HIS A 203 -0.97 4.28 -11.70
C HIS A 203 -1.74 4.28 -13.01
N1 LLP A 204 -11.59 0.50 -10.01
C2 LLP A 204 -11.49 0.50 -11.33
C2' LLP A 204 -12.68 0.93 -12.13
C3 LLP A 204 -10.22 0.07 -11.93
O3 LLP A 204 -10.04 0.05 -13.25
C4 LLP A 204 -9.10 -0.31 -11.10
C4' LLP A 204 -7.82 -0.77 -11.71
C5 LLP A 204 -9.34 -0.29 -9.66
C6 LLP A 204 -10.59 0.14 -9.20
C5' LLP A 204 -8.28 -0.71 -8.67
OP4 LLP A 204 -7.16 0.15 -8.67
P LLP A 204 -5.70 -0.36 -8.21
OP1 LLP A 204 -5.04 0.95 -7.80
OP2 LLP A 204 -5.96 -1.36 -7.13
OP3 LLP A 204 -5.14 -0.97 -9.48
N LLP A 204 -3.07 4.30 -12.92
CA LLP A 204 -3.90 4.35 -14.11
CB LLP A 204 -5.35 3.95 -13.83
CG LLP A 204 -5.57 2.63 -13.06
CD LLP A 204 -5.52 1.39 -13.90
CE LLP A 204 -6.02 0.10 -13.22
NZ LLP A 204 -7.36 0.15 -12.71
C LLP A 204 -3.86 5.70 -14.77
O LLP A 204 -4.33 5.83 -15.89
N ILE A 205 -3.32 6.74 -14.12
CA ILE A 205 -3.16 8.06 -14.77
C ILE A 205 -1.72 8.51 -14.98
N GLY A 206 -0.76 7.59 -14.90
CA GLY A 206 0.66 7.90 -15.18
C GLY A 206 1.48 8.42 -14.01
N GLY A 207 0.98 8.21 -12.80
CA GLY A 207 1.64 8.65 -11.57
C GLY A 207 2.47 7.55 -10.93
N GLY A 208 2.51 6.39 -11.55
CA GLY A 208 3.20 5.26 -10.95
C GLY A 208 2.34 4.58 -9.94
N GLN A 209 2.78 3.41 -9.50
CA GLN A 209 2.07 2.63 -8.53
C GLN A 209 2.31 3.11 -7.12
N GLY A 210 1.34 2.86 -6.27
CA GLY A 210 1.51 3.03 -4.83
C GLY A 210 0.79 4.21 -4.24
N GLY A 211 0.23 5.04 -5.10
CA GLY A 211 -0.51 6.22 -4.72
C GLY A 211 -1.95 6.12 -5.20
N ALA A 212 -2.86 6.49 -4.32
CA ALA A 212 -4.29 6.43 -4.59
C ALA A 212 -4.99 7.18 -3.45
N ALA A 213 -6.31 7.31 -3.55
CA ALA A 213 -7.04 8.02 -2.51
C ALA A 213 -8.52 7.69 -2.46
N LEU A 214 -9.07 7.76 -1.26
CA LEU A 214 -10.49 7.85 -1.05
C LEU A 214 -10.80 9.28 -0.63
N ILE A 215 -11.68 9.90 -1.38
CA ILE A 215 -12.15 11.26 -1.06
C ILE A 215 -13.43 11.09 -0.25
N SER A 216 -13.61 11.86 0.80
CA SER A 216 -14.78 11.69 1.64
C SER A 216 -15.31 12.99 2.22
N SER A 217 -16.61 13.15 2.21
CA SER A 217 -17.25 14.23 2.93
C SER A 217 -16.78 14.37 4.40
N SER A 218 -16.46 15.60 4.77
CA SER A 218 -16.02 15.92 6.14
C SER A 218 -17.05 15.72 7.22
N ASN A 219 -18.32 15.64 6.87
CA ASN A 219 -19.32 15.37 7.89
C ASN A 219 -19.53 13.87 8.09
N PHE A 220 -18.64 13.04 7.53
CA PHE A 220 -18.66 11.59 7.78
C PHE A 220 -17.28 11.13 8.27
N GLN A 221 -17.23 10.47 9.41
CA GLN A 221 -15.99 9.94 9.99
C GLN A 221 -15.73 8.55 9.45
N ILE A 222 -14.66 8.40 8.67
CA ILE A 222 -14.29 7.08 8.17
C ILE A 222 -13.58 6.31 9.29
N THR A 223 -14.00 5.08 9.55
CA THR A 223 -13.36 4.21 10.50
C THR A 223 -12.24 3.49 9.75
N PRO A 224 -11.05 3.38 10.36
CA PRO A 224 -9.91 2.76 9.66
C PRO A 224 -10.04 1.25 9.49
N MET A 225 -9.51 0.75 8.39
CA MET A 225 -9.18 -0.67 8.30
C MET A 225 -7.79 -0.97 8.91
N ILE A 226 -6.87 -0.03 8.74
CA ILE A 226 -5.47 -0.26 9.11
C ILE A 226 -5.04 0.70 10.21
N ILE A 227 -4.72 0.14 11.38
CA ILE A 227 -4.37 0.94 12.53
C ILE A 227 -2.91 0.85 12.87
N GLY A 228 -2.47 1.80 13.69
CA GLY A 228 -1.05 1.89 14.07
C GLY A 228 -0.64 3.30 14.43
N GLY A 229 0.27 3.85 13.66
CA GLY A 229 0.84 5.15 13.96
C GLY A 229 -0.04 6.39 13.76
N GLY A 230 -1.27 6.28 13.27
CA GLY A 230 -2.11 7.49 13.21
C GLY A 230 -1.96 8.39 11.96
N GLN A 231 -1.28 7.90 10.94
CA GLN A 231 -1.16 8.62 9.69
C GLN A 231 -2.54 8.82 9.09
N GLU A 232 -2.61 9.84 8.24
CA GLU A 232 -3.86 10.25 7.60
C GLU A 232 -5.01 10.45 8.62
N LYS A 233 -4.70 11.14 9.71
CA LYS A 233 -5.65 11.43 10.79
C LYS A 233 -6.31 10.18 11.36
N SER A 234 -5.51 9.12 11.45
CA SER A 234 -5.91 7.82 12.00
C SER A 234 -6.94 7.07 11.17
N VAL A 235 -7.12 7.46 9.90
CA VAL A 235 -8.00 6.73 9.00
C VAL A 235 -7.24 5.63 8.27
N ARG A 236 -5.92 5.74 8.20
CA ARG A 236 -5.14 4.85 7.39
C ARG A 236 -3.68 4.94 7.82
N SER A 237 -3.30 4.06 8.73
CA SER A 237 -1.95 4.04 9.30
C SER A 237 -0.96 3.35 8.37
N GLY A 238 0.32 3.52 8.68
CA GLY A 238 1.42 3.02 7.87
C GLY A 238 2.19 4.20 7.37
N THR A 239 3.52 4.04 7.22
CA THR A 239 4.33 5.14 6.70
C THR A 239 3.83 5.48 5.29
N GLU A 240 3.57 6.77 5.03
CA GLU A 240 3.02 7.19 3.74
C GLU A 240 4.06 6.89 2.65
N ASN A 241 3.59 6.43 1.49
CA ASN A 241 4.43 6.25 0.31
C ASN A 241 4.61 7.63 -0.40
N VAL A 242 5.55 8.39 0.11
CA VAL A 242 5.71 9.79 -0.27
C VAL A 242 6.02 9.98 -1.77
N LEU A 243 6.93 9.18 -2.31
CA LEU A 243 7.28 9.26 -3.73
C LEU A 243 6.07 8.96 -4.62
N ALA A 244 5.32 7.92 -4.28
CA ALA A 244 4.15 7.57 -5.07
C ALA A 244 3.07 8.65 -4.96
N ILE A 245 2.88 9.17 -3.75
CA ILE A 245 1.93 10.27 -3.54
C ILE A 245 2.32 11.51 -4.36
N ALA A 246 3.60 11.85 -4.31
CA ALA A 246 4.14 12.93 -5.11
C ALA A 246 3.89 12.72 -6.62
N GLY A 247 4.18 11.53 -7.11
CA GLY A 247 3.87 11.20 -8.50
C GLY A 247 2.40 11.33 -8.88
N PHE A 248 1.55 10.82 -8.00
CA PHE A 248 0.11 10.87 -8.14
C PHE A 248 -0.38 12.32 -8.26
N GLY A 249 0.15 13.18 -7.40
CA GLY A 249 -0.22 14.61 -7.42
C GLY A 249 0.13 15.29 -8.71
N LEU A 250 1.35 15.06 -9.16
CA LEU A 250 1.81 15.71 -10.37
C LEU A 250 1.03 15.17 -11.58
N ALA A 251 0.75 13.88 -11.60
CA ALA A 251 0.01 13.30 -12.72
C ALA A 251 -1.40 13.85 -12.76
N SER A 252 -2.02 13.99 -11.59
CA SER A 252 -3.36 14.60 -11.52
C SER A 252 -3.39 16.01 -12.11
N ALA A 253 -2.43 16.85 -11.69
CA ALA A 253 -2.35 18.23 -12.15
C ALA A 253 -2.12 18.29 -13.66
N LEU A 254 -1.19 17.49 -14.16
CA LEU A 254 -0.93 17.44 -15.61
C LEU A 254 -2.13 16.97 -16.42
N ARG A 255 -2.78 15.89 -15.99
CA ARG A 255 -3.90 15.38 -16.71
C ARG A 255 -5.04 16.38 -16.74
N THR A 256 -5.28 17.05 -15.62
CA THR A 256 -6.32 18.05 -15.54
C THR A 256 -5.99 19.26 -16.38
N ASP A 257 -4.77 19.76 -16.30
CA ASP A 257 -4.40 20.94 -17.11
C ASP A 257 -4.44 20.68 -18.60
N ASN A 258 -4.23 19.44 -19.02
CA ASN A 258 -4.23 19.10 -20.45
C ASN A 258 -5.40 18.21 -20.84
N ILE A 259 -6.47 18.25 -20.08
CA ILE A 259 -7.57 17.32 -20.27
C ILE A 259 -8.20 17.45 -21.64
N SER A 260 -8.31 18.68 -22.15
CA SER A 260 -8.89 18.91 -23.47
C SER A 260 -8.03 18.39 -24.62
N GLU A 261 -6.77 18.80 -24.69
CA GLU A 261 -5.85 18.30 -25.71
C GLU A 261 -5.78 16.77 -25.68
N ASN A 262 -5.70 16.17 -24.48
CA ASN A 262 -5.62 14.72 -24.39
C ASN A 262 -6.92 14.05 -24.86
N TYR A 263 -8.05 14.64 -24.48
CA TYR A 263 -9.37 14.12 -24.86
C TYR A 263 -9.52 14.08 -26.37
N ILE A 264 -9.18 15.17 -27.03
CA ILE A 264 -9.29 15.26 -28.48
C ILE A 264 -8.39 14.26 -29.18
N LYS A 265 -7.15 14.16 -28.72
CA LYS A 265 -6.21 13.25 -29.33
C LYS A 265 -6.70 11.80 -29.23
N ILE A 266 -7.17 11.42 -28.05
CA ILE A 266 -7.58 10.04 -27.80
C ILE A 266 -8.85 9.73 -28.57
N LYS A 267 -9.81 10.67 -28.51
CA LYS A 267 -11.07 10.52 -29.21
C LYS A 267 -10.89 10.28 -30.72
N LYS A 268 -9.99 11.02 -31.36
CA LYS A 268 -9.68 10.79 -32.79
C LYS A 268 -9.14 9.37 -33.04
N LEU A 269 -8.28 8.86 -32.16
CA LEU A 269 -7.78 7.48 -32.34
C LEU A 269 -8.92 6.47 -32.21
N GLN A 270 -9.79 6.69 -31.24
CA GLN A 270 -10.94 5.80 -31.06
C GLN A 270 -11.84 5.80 -32.30
N GLU A 271 -12.16 6.98 -32.81
CA GLU A 271 -13.01 7.10 -34.00
C GLU A 271 -12.34 6.39 -35.20
N ASN A 272 -11.03 6.56 -35.33
CA ASN A 272 -10.25 5.85 -36.36
C ASN A 272 -10.32 4.32 -36.19
N LEU A 273 -10.02 3.84 -34.99
CA LEU A 273 -10.07 2.41 -34.71
C LEU A 273 -11.47 1.83 -34.96
N GLU A 274 -12.49 2.50 -34.47
CA GLU A 274 -13.84 1.94 -34.52
C GLU A 274 -14.43 1.98 -35.95
N LYS A 275 -14.11 3.01 -36.74
CA LYS A 275 -14.46 3.01 -38.17
C LYS A 275 -13.77 1.83 -38.91
N LYS A 276 -12.53 1.54 -38.60
CA LYS A 276 -11.89 0.37 -39.17
C LYS A 276 -12.52 -0.96 -38.70
N LEU A 277 -12.83 -1.10 -37.43
CA LEU A 277 -13.37 -2.39 -36.95
C LEU A 277 -14.72 -2.73 -37.59
N LYS A 278 -15.51 -1.70 -37.91
CA LYS A 278 -16.83 -1.92 -38.47
C LYS A 278 -16.77 -2.31 -39.96
N LYS A 279 -15.59 -2.27 -40.58
CA LYS A 279 -15.41 -2.89 -41.90
C LYS A 279 -15.42 -4.44 -41.88
N TYR A 280 -15.39 -5.06 -40.69
CA TYR A 280 -15.44 -6.53 -40.56
C TYR A 280 -16.80 -6.99 -40.06
N PRO A 281 -17.24 -8.16 -40.53
CA PRO A 281 -18.48 -8.71 -40.00
C PRO A 281 -18.30 -9.30 -38.61
N ASN A 282 -19.40 -9.39 -37.89
CA ASN A 282 -19.42 -10.17 -36.69
C ASN A 282 -18.66 -9.46 -35.58
N VAL A 283 -18.39 -8.15 -35.68
CA VAL A 283 -17.71 -7.42 -34.62
C VAL A 283 -18.70 -6.49 -33.94
N ASN A 284 -18.95 -6.71 -32.65
CA ASN A 284 -19.87 -5.87 -31.89
C ASN A 284 -19.14 -4.98 -30.88
N ILE A 285 -19.31 -3.67 -31.01
CA ILE A 285 -18.78 -2.74 -30.04
C ILE A 285 -19.80 -2.61 -28.87
N VAL A 286 -19.36 -3.00 -27.69
CA VAL A 286 -20.15 -2.98 -26.48
C VAL A 286 -20.44 -1.52 -26.06
N SER A 287 -21.70 -1.22 -25.77
CA SER A 287 -22.17 0.11 -25.38
C SER A 287 -21.93 1.16 -26.50
N ASN A 288 -22.04 0.71 -27.75
CA ASN A 288 -21.81 1.54 -28.94
CA ASN A 288 -21.81 1.54 -28.93
C ASN A 288 -22.78 2.71 -29.03
N ASN A 289 -23.96 2.53 -28.45
CA ASN A 289 -25.04 3.51 -28.58
C ASN A 289 -25.25 4.41 -27.39
N VAL A 290 -24.34 4.41 -26.41
CA VAL A 290 -24.49 5.25 -25.21
C VAL A 290 -23.18 5.95 -24.97
N ALA A 291 -23.18 6.97 -24.12
CA ALA A 291 -21.93 7.68 -23.83
C ALA A 291 -20.84 6.74 -23.25
N ARG A 292 -19.65 6.82 -23.83
CA ARG A 292 -18.48 6.10 -23.32
C ARG A 292 -17.27 7.03 -23.18
N LEU A 293 -16.28 6.56 -22.42
CA LEU A 293 -14.97 7.19 -22.40
C LEU A 293 -14.44 7.32 -23.81
N PRO A 294 -13.58 8.30 -24.06
CA PRO A 294 -13.01 8.48 -25.40
C PRO A 294 -11.90 7.48 -25.72
N ASN A 295 -11.51 6.63 -24.78
CA ASN A 295 -10.31 5.81 -24.97
C ASN A 295 -10.49 4.30 -25.06
N THR A 296 -11.70 3.81 -24.77
CA THR A 296 -11.93 2.38 -24.58
C THR A 296 -12.89 1.81 -25.62
N THR A 297 -12.42 0.75 -26.29
CA THR A 297 -13.22 0.02 -27.24
C THR A 297 -13.23 -1.42 -26.78
N LEU A 298 -14.39 -1.90 -26.39
CA LEU A 298 -14.62 -3.29 -26.06
C LEU A 298 -15.46 -3.90 -27.16
N ILE A 299 -14.95 -4.97 -27.77
CA ILE A 299 -15.65 -5.67 -28.81
C ILE A 299 -15.89 -7.14 -28.47
N THR A 300 -16.98 -7.71 -28.99
CA THR A 300 -17.23 -9.15 -28.94
C THR A 300 -17.22 -9.66 -30.37
N ILE A 301 -16.78 -10.89 -30.56
CA ILE A 301 -16.68 -11.52 -31.85
C ILE A 301 -17.18 -12.95 -31.66
N PRO A 302 -18.49 -13.14 -31.82
CA PRO A 302 -19.07 -14.45 -31.57
C PRO A 302 -18.34 -15.62 -32.25
N ASN A 303 -18.32 -16.75 -31.54
CA ASN A 303 -17.69 -18.01 -32.02
C ASN A 303 -16.15 -18.00 -32.11
N THR A 304 -15.54 -17.11 -31.35
CA THR A 304 -14.09 -17.09 -31.13
C THR A 304 -13.82 -17.09 -29.65
N ASP A 305 -12.62 -17.52 -29.29
CA ASP A 305 -12.21 -17.67 -27.90
C ASP A 305 -11.14 -16.62 -27.63
N ALA A 306 -11.47 -15.61 -26.82
CA ALA A 306 -10.55 -14.49 -26.61
C ALA A 306 -9.20 -14.94 -26.04
N GLN A 307 -9.20 -15.99 -25.23
CA GLN A 307 -7.96 -16.48 -24.62
C GLN A 307 -6.96 -16.88 -25.72
N ALA A 308 -7.47 -17.52 -26.77
CA ALA A 308 -6.66 -17.92 -27.90
C ALA A 308 -6.23 -16.72 -28.71
N LYS A 309 -7.18 -15.82 -28.98
CA LYS A 309 -6.91 -14.71 -29.85
C LYS A 309 -5.92 -13.75 -29.21
N LEU A 310 -5.96 -13.65 -27.89
CA LEU A 310 -5.00 -12.80 -27.16
C LEU A 310 -3.57 -13.26 -27.26
N ILE A 311 -3.42 -14.57 -27.29
CA ILE A 311 -2.13 -15.11 -27.53
C ILE A 311 -1.70 -14.71 -28.95
N GLY A 312 -2.62 -14.76 -29.91
CA GLY A 312 -2.38 -14.24 -31.29
C GLY A 312 -1.83 -12.82 -31.24
N PHE A 313 -2.47 -11.97 -30.46
CA PHE A 313 -2.04 -10.58 -30.38
C PHE A 313 -0.67 -10.44 -29.77
N ASP A 314 -0.42 -11.20 -28.72
CA ASP A 314 0.82 -11.12 -28.01
C ASP A 314 1.97 -11.55 -28.92
N LEU A 315 1.71 -12.56 -29.75
CA LEU A 315 2.68 -13.03 -30.76
C LEU A 315 2.90 -12.04 -31.87
N HIS A 316 1.97 -11.10 -32.06
CA HIS A 316 2.15 -9.99 -33.00
C HIS A 316 2.70 -8.75 -32.30
N ASN A 317 3.22 -8.94 -31.09
CA ASN A 317 3.73 -7.86 -30.26
C ASN A 317 2.70 -6.77 -29.93
N ILE A 318 1.44 -7.16 -29.68
CA ILE A 318 0.40 -6.26 -29.30
C ILE A 318 -0.12 -6.66 -27.92
N CYS A 319 -0.20 -5.69 -27.01
CA CYS A 319 -0.80 -5.88 -25.70
C CYS A 319 -2.22 -5.33 -25.66
N VAL A 320 -3.18 -6.25 -25.62
CA VAL A 320 -4.58 -5.90 -25.36
C VAL A 320 -5.04 -6.89 -24.29
N SER A 321 -6.33 -6.86 -23.94
CA SER A 321 -6.86 -7.77 -22.94
C SER A 321 -8.30 -8.19 -23.25
N SER A 322 -8.86 -9.01 -22.36
CA SER A 322 -10.22 -9.46 -22.43
C SER A 322 -11.00 -8.90 -21.24
N GLY A 323 -12.16 -9.51 -20.97
CA GLY A 323 -12.82 -9.45 -19.66
C GLY A 323 -13.31 -10.83 -19.25
N SER A 334 -16.78 -12.90 -17.71
CA SER A 334 -16.95 -11.46 -17.43
C SER A 334 -18.28 -11.18 -16.78
N HIS A 335 -18.28 -10.84 -15.49
CA HIS A 335 -19.53 -10.44 -14.81
C HIS A 335 -20.18 -9.24 -15.49
N VAL A 336 -19.38 -8.35 -16.07
CA VAL A 336 -19.92 -7.13 -16.70
C VAL A 336 -20.77 -7.48 -17.91
N LEU A 337 -20.20 -8.23 -18.86
CA LEU A 337 -20.95 -8.66 -20.03
C LEU A 337 -22.15 -9.58 -19.68
N THR A 338 -21.94 -10.48 -18.72
CA THR A 338 -23.01 -11.35 -18.23
C THR A 338 -24.19 -10.57 -17.65
N ASN A 339 -23.90 -9.56 -16.82
CA ASN A 339 -24.95 -8.74 -16.21
C ASN A 339 -25.61 -7.78 -17.20
N MET A 340 -24.97 -7.56 -18.34
CA MET A 340 -25.59 -6.85 -19.45
C MET A 340 -26.47 -7.74 -20.34
N GLY A 341 -26.56 -9.02 -20.02
CA GLY A 341 -27.37 -9.95 -20.83
C GLY A 341 -26.65 -10.58 -22.01
N VAL A 342 -25.32 -10.50 -22.04
CA VAL A 342 -24.56 -11.22 -23.05
C VAL A 342 -24.37 -12.68 -22.64
N GLY A 343 -24.61 -13.60 -23.59
CA GLY A 343 -24.41 -15.04 -23.36
C GLY A 343 -22.96 -15.40 -23.10
N GLU A 344 -22.75 -16.57 -22.49
CA GLU A 344 -21.45 -17.01 -21.98
C GLU A 344 -20.39 -17.17 -23.06
N GLU A 345 -20.75 -17.76 -24.20
CA GLU A 345 -19.81 -17.96 -25.28
C GLU A 345 -19.36 -16.59 -25.78
N GLU A 346 -20.31 -15.70 -26.10
CA GLU A 346 -20.01 -14.36 -26.60
C GLU A 346 -19.18 -13.54 -25.60
N ALA A 347 -19.50 -13.66 -24.31
CA ALA A 347 -18.74 -13.00 -23.27
C ALA A 347 -17.26 -13.45 -23.24
N LYS A 348 -17.01 -14.73 -23.46
CA LYS A 348 -15.63 -15.28 -23.52
C LYS A 348 -14.89 -14.91 -24.84
N SER A 349 -15.54 -14.14 -25.72
CA SER A 349 -14.92 -13.69 -26.97
C SER A 349 -14.43 -12.22 -26.94
N SER A 350 -14.63 -11.51 -25.84
CA SER A 350 -14.37 -10.07 -25.81
C SER A 350 -12.89 -9.69 -25.84
N ILE A 351 -12.61 -8.62 -26.55
CA ILE A 351 -11.28 -7.99 -26.59
C ILE A 351 -11.45 -6.52 -26.25
N ARG A 352 -10.61 -6.02 -25.35
CA ARG A 352 -10.55 -4.62 -24.98
C ARG A 352 -9.29 -3.93 -25.51
N ILE A 353 -9.50 -2.87 -26.26
CA ILE A 353 -8.45 -1.99 -26.71
C ILE A 353 -8.62 -0.67 -25.96
N SER A 354 -7.63 -0.30 -25.16
CA SER A 354 -7.76 0.90 -24.32
C SER A 354 -6.56 1.81 -24.53
N LEU A 355 -6.85 3.05 -24.88
CA LEU A 355 -5.85 3.99 -25.39
C LEU A 355 -5.39 5.02 -24.36
N SER A 356 -4.22 5.54 -24.65
CA SER A 356 -3.64 6.65 -23.95
C SER A 356 -3.39 7.73 -24.97
N HIS A 357 -3.25 8.95 -24.48
CA HIS A 357 -2.85 10.07 -25.34
C HIS A 357 -1.48 9.84 -26.02
N THR A 358 -0.69 8.91 -25.51
CA THR A 358 0.61 8.59 -26.11
C THR A 358 0.47 7.62 -27.30
N ASN A 359 -0.68 6.96 -27.45
CA ASN A 359 -0.88 6.09 -28.63
C ASN A 359 -0.91 6.92 -29.93
N THR A 360 -0.67 6.25 -31.05
CA THR A 360 -0.61 6.93 -32.34
C THR A 360 -1.53 6.23 -33.37
N VAL A 361 -1.74 6.90 -34.50
CA VAL A 361 -2.40 6.30 -35.66
C VAL A 361 -1.72 4.99 -36.09
N ARG A 362 -0.38 4.98 -36.04
CA ARG A 362 0.44 3.82 -36.43
C ARG A 362 0.11 2.62 -35.51
N ASP A 363 -0.06 2.89 -34.22
CA ASP A 363 -0.46 1.80 -33.30
C ASP A 363 -1.77 1.14 -33.72
N ILE A 364 -2.74 1.98 -34.10
CA ILE A 364 -4.04 1.50 -34.53
C ILE A 364 -3.91 0.66 -35.80
N GLU A 365 -3.12 1.15 -36.75
CA GLU A 365 -2.93 0.45 -38.04
C GLU A 365 -2.27 -0.91 -37.75
N ALA A 366 -1.31 -0.94 -36.83
CA ALA A 366 -0.63 -2.18 -36.46
C ALA A 366 -1.63 -3.14 -35.82
N PHE A 367 -2.54 -2.61 -35.01
CA PHE A 367 -3.55 -3.43 -34.38
C PHE A 367 -4.46 -4.09 -35.43
N ILE A 368 -4.90 -3.30 -36.38
CA ILE A 368 -5.75 -3.73 -37.48
C ILE A 368 -5.09 -4.76 -38.39
N GLU A 369 -3.81 -4.58 -38.71
CA GLU A 369 -3.11 -5.55 -39.55
C GLU A 369 -3.01 -6.89 -38.79
N ALA A 370 -2.73 -6.84 -37.49
CA ALA A 370 -2.72 -8.05 -36.68
C ALA A 370 -4.12 -8.67 -36.59
N PHE A 371 -5.13 -7.82 -36.41
CA PHE A 371 -6.52 -8.29 -36.32
C PHE A 371 -6.93 -9.15 -37.53
N GLU A 372 -6.61 -8.66 -38.70
CA GLU A 372 -6.97 -9.33 -39.94
C GLU A 372 -6.35 -10.72 -40.06
N GLU A 373 -5.11 -10.83 -39.60
CA GLU A 373 -4.39 -12.08 -39.60
C GLU A 373 -4.91 -13.04 -38.52
N ILE A 374 -5.06 -12.54 -37.31
CA ILE A 374 -5.50 -13.36 -36.19
C ILE A 374 -6.96 -13.89 -36.37
N TYR A 375 -7.82 -13.07 -36.97
CA TYR A 375 -9.23 -13.47 -37.19
C TYR A 375 -9.46 -13.98 -38.63
N ASP A 376 -8.40 -14.02 -39.46
CA ASP A 376 -8.48 -14.56 -40.83
CA ASP A 376 -8.47 -14.53 -40.83
C ASP A 376 -9.57 -13.86 -41.66
N VAL A 377 -9.53 -12.52 -41.72
CA VAL A 377 -10.55 -11.75 -42.45
C VAL A 377 -9.91 -10.64 -43.27
N MET B 9 23.57 18.43 6.74
CA MET B 9 22.46 17.65 7.34
C MET B 9 22.86 16.17 7.64
N ILE B 10 22.94 15.85 8.91
CA ILE B 10 23.40 14.55 9.36
C ILE B 10 22.17 13.74 9.76
N TYR B 11 22.00 12.57 9.16
CA TYR B 11 20.80 11.79 9.42
C TYR B 11 21.12 10.54 10.26
N LEU B 12 20.56 10.53 11.46
CA LEU B 12 20.80 9.49 12.45
C LEU B 12 19.46 8.95 13.00
N ASP B 13 18.50 8.78 12.09
CA ASP B 13 17.14 8.38 12.39
C ASP B 13 16.71 7.25 11.44
N HIS B 14 17.62 6.32 11.22
CA HIS B 14 17.40 5.29 10.26
C HIS B 14 16.34 4.26 10.67
N ASN B 15 15.94 4.22 11.93
CA ASN B 15 14.84 3.35 12.31
C ASN B 15 13.49 3.87 11.86
N ALA B 16 13.39 5.16 11.56
CA ALA B 16 12.12 5.71 11.09
C ALA B 16 11.95 5.48 9.61
N THR B 17 13.05 5.52 8.87
CA THR B 17 13.09 5.21 7.44
C THR B 17 14.54 5.45 7.04
N THR B 18 14.92 4.95 5.88
CA THR B 18 16.23 5.24 5.38
C THR B 18 16.13 5.54 3.87
N PHE B 19 17.21 6.03 3.28
CA PHE B 19 17.15 6.35 1.85
C PHE B 19 17.31 5.11 0.97
N ILE B 20 16.85 5.23 -0.25
CA ILE B 20 16.96 4.17 -1.21
C ILE B 20 18.42 3.92 -1.53
N ASP B 21 18.87 2.70 -1.37
CA ASP B 21 20.23 2.34 -1.77
C ASP B 21 20.47 2.70 -3.26
N PRO B 22 21.63 3.33 -3.58
CA PRO B 22 21.94 3.76 -4.94
C PRO B 22 21.78 2.64 -5.99
N ARG B 23 22.20 1.42 -5.69
CA ARG B 23 21.95 0.31 -6.61
C ARG B 23 20.44 0.05 -6.79
N VAL B 24 19.68 0.13 -5.71
CA VAL B 24 18.26 -0.11 -5.77
C VAL B 24 17.60 0.99 -6.60
N LYS B 25 18.07 2.22 -6.42
CA LYS B 25 17.59 3.38 -7.15
C LYS B 25 17.79 3.18 -8.66
N GLU B 26 18.99 2.81 -9.06
CA GLU B 26 19.32 2.58 -10.49
C GLU B 26 18.41 1.49 -11.07
N PHE B 27 18.17 0.44 -10.29
CA PHE B 27 17.33 -0.65 -10.76
C PHE B 27 15.86 -0.19 -10.93
N ILE B 28 15.32 0.54 -9.96
CA ILE B 28 13.95 1.07 -10.04
C ILE B 28 13.83 1.99 -11.26
N ILE B 29 14.81 2.86 -11.45
CA ILE B 29 14.74 3.80 -12.55
C ILE B 29 14.73 3.03 -13.89
N SER B 30 15.47 1.93 -13.99
CA SER B 30 15.57 1.21 -15.27
C SER B 30 14.22 0.64 -15.69
N LEU B 31 13.34 0.42 -14.71
CA LEU B 31 12.04 -0.16 -14.96
C LEU B 31 10.92 0.88 -15.14
N MET B 32 11.23 2.16 -15.03
CA MET B 32 10.19 3.21 -14.89
C MET B 32 9.46 3.62 -16.17
N ASP B 33 9.92 3.20 -17.33
CA ASP B 33 9.19 3.46 -18.57
C ASP B 33 8.19 2.34 -18.92
N LYS B 34 8.12 1.30 -18.10
CA LYS B 34 7.29 0.12 -18.40
C LYS B 34 5.89 0.17 -17.83
N GLU B 35 4.98 -0.56 -18.47
CA GLU B 35 3.66 -0.82 -17.92
C GLU B 35 3.78 -2.12 -17.15
N LEU B 36 3.41 -2.11 -15.89
CA LEU B 36 3.68 -3.23 -15.01
C LEU B 36 2.41 -3.69 -14.27
N ASN B 37 1.65 -4.61 -14.86
CA ASN B 37 0.55 -5.24 -14.15
C ASN B 37 0.65 -6.75 -14.24
N PRO B 38 1.08 -7.39 -13.16
CA PRO B 38 1.26 -8.82 -13.10
C PRO B 38 0.02 -9.65 -13.46
N SER B 39 -1.17 -9.09 -13.33
CA SER B 39 -2.38 -9.83 -13.72
C SER B 39 -2.62 -9.85 -15.25
N SER B 40 -1.96 -8.98 -16.03
CA SER B 40 -2.16 -8.95 -17.49
C SER B 40 -1.47 -10.17 -18.14
N ALA B 41 -2.15 -10.81 -19.09
CA ALA B 41 -1.67 -12.08 -19.71
C ALA B 41 -0.60 -11.92 -20.80
N HIS B 42 -0.46 -10.71 -21.33
CA HIS B 42 0.51 -10.40 -22.38
C HIS B 42 1.94 -10.23 -21.87
N SER B 43 2.85 -9.94 -22.79
CA SER B 43 4.25 -9.98 -22.48
C SER B 43 4.68 -8.94 -21.43
N SER B 44 4.04 -7.76 -21.41
CA SER B 44 4.33 -6.76 -20.38
C SER B 44 3.89 -7.22 -19.04
N GLY B 45 2.72 -7.81 -18.97
CA GLY B 45 2.20 -8.34 -17.71
C GLY B 45 3.03 -9.48 -17.16
N ARG B 46 3.48 -10.35 -18.06
CA ARG B 46 4.29 -11.51 -17.66
C ARG B 46 5.63 -11.05 -17.17
N PHE B 47 6.16 -10.00 -17.79
CA PHE B 47 7.40 -9.44 -17.31
C PHE B 47 7.21 -8.92 -15.87
N ALA B 48 6.12 -8.20 -15.61
CA ALA B 48 5.85 -7.70 -14.26
C ALA B 48 5.68 -8.84 -13.25
N LYS B 49 5.02 -9.91 -13.66
CA LYS B 49 4.79 -11.06 -12.81
C LYS B 49 6.12 -11.72 -12.47
N ASN B 50 6.95 -11.91 -13.49
CA ASN B 50 8.31 -12.43 -13.28
C ASN B 50 9.11 -11.61 -12.28
N LEU B 51 9.04 -10.29 -12.36
CA LEU B 51 9.73 -9.45 -11.36
C LEU B 51 9.29 -9.73 -9.95
N ILE B 52 7.99 -9.83 -9.70
CA ILE B 52 7.53 -10.03 -8.33
C ILE B 52 7.81 -11.45 -7.82
N GLU B 53 7.75 -12.46 -8.70
CA GLU B 53 8.12 -13.83 -8.28
C GLU B 53 9.60 -13.91 -7.94
N THR B 54 10.44 -13.22 -8.70
CA THR B 54 11.88 -13.15 -8.43
C THR B 54 12.11 -12.57 -7.05
N VAL B 55 11.39 -11.49 -6.75
CA VAL B 55 11.46 -10.89 -5.42
C VAL B 55 11.00 -11.87 -4.31
N ARG B 56 9.95 -12.61 -4.58
CA ARG B 56 9.47 -13.61 -3.64
C ARG B 56 10.59 -14.58 -3.26
N ALA B 57 11.31 -15.08 -4.25
CA ALA B 57 12.49 -15.92 -3.98
C ALA B 57 13.62 -15.20 -3.27
N GLN B 58 13.84 -13.93 -3.57
CA GLN B 58 14.87 -13.15 -2.88
C GLN B 58 14.53 -13.00 -1.39
N ILE B 59 13.26 -12.77 -1.06
CA ILE B 59 12.85 -12.61 0.33
C ILE B 59 13.04 -13.96 1.05
N ALA B 60 12.64 -15.04 0.41
CA ALA B 60 12.74 -16.38 1.01
C ALA B 60 14.17 -16.66 1.40
N THR B 61 15.09 -16.42 0.47
CA THR B 61 16.52 -16.64 0.72
C THR B 61 17.00 -15.80 1.88
N ALA B 62 16.55 -14.56 1.92
CA ALA B 62 16.98 -13.66 2.97
C ALA B 62 16.46 -14.08 4.34
N LEU B 63 15.42 -14.89 4.37
CA LEU B 63 14.84 -15.37 5.65
C LEU B 63 15.24 -16.83 5.93
N GLY B 64 16.26 -17.27 5.20
CA GLY B 64 16.85 -18.56 5.45
C GLY B 64 16.01 -19.72 5.00
N ILE B 65 15.06 -19.49 4.10
CA ILE B 65 14.21 -20.57 3.62
C ILE B 65 14.25 -20.72 2.09
N THR B 66 13.70 -21.82 1.59
CA THR B 66 13.56 -22.04 0.14
C THR B 66 12.09 -22.13 -0.15
N LEU B 67 11.57 -21.33 -1.09
CA LEU B 67 10.15 -21.37 -1.47
C LEU B 67 9.75 -22.71 -2.00
N SER B 68 10.65 -23.32 -2.76
CA SER B 68 10.42 -24.66 -3.32
C SER B 68 10.15 -25.73 -2.24
N SER B 69 10.58 -25.48 -1.00
CA SER B 69 10.13 -26.31 0.13
C SER B 69 8.62 -26.28 0.40
N ARG B 70 7.94 -25.23 -0.02
CA ARG B 70 6.48 -25.09 0.14
C ARG B 70 5.97 -25.08 1.59
N GLU B 71 6.83 -24.64 2.50
CA GLU B 71 6.51 -24.55 3.91
C GLU B 71 5.96 -23.17 4.25
N TYR B 72 6.30 -22.17 3.43
CA TYR B 72 5.88 -20.81 3.67
C TYR B 72 5.38 -20.12 2.42
N ASP B 73 4.48 -19.18 2.64
CA ASP B 73 3.90 -18.32 1.63
C ASP B 73 4.39 -16.91 1.97
N ILE B 74 4.48 -16.06 0.94
CA ILE B 74 4.92 -14.70 1.11
C ILE B 74 3.87 -13.82 0.47
N THR B 75 3.24 -12.93 1.26
CA THR B 75 2.21 -12.03 0.76
C THR B 75 2.72 -10.60 0.75
N PHE B 76 2.75 -9.97 -0.43
CA PHE B 76 3.20 -8.59 -0.53
C PHE B 76 2.11 -7.61 -0.09
N THR B 77 2.46 -6.76 0.86
CA THR B 77 1.61 -5.71 1.38
C THR B 77 2.26 -4.36 1.08
N SER B 78 1.50 -3.28 1.27
CA SER B 78 2.00 -1.96 0.95
C SER B 78 2.99 -1.50 2.00
N SER B 79 2.91 -2.07 3.19
CA SER B 79 3.67 -1.56 4.34
C SER B 79 3.74 -2.62 5.44
N GLY B 80 4.70 -2.44 6.35
CA GLY B 80 4.81 -3.34 7.49
C GLY B 80 3.60 -3.24 8.40
N THR B 81 3.08 -2.03 8.54
CA THR B 81 1.88 -1.78 9.24
C THR B 81 0.74 -2.61 8.67
N GLU B 82 0.62 -2.63 7.33
CA GLU B 82 -0.44 -3.43 6.71
C GLU B 82 -0.27 -4.94 7.00
N GLY B 83 0.95 -5.46 6.90
CA GLY B 83 1.22 -6.86 7.20
C GLY B 83 0.87 -7.24 8.64
N ASN B 84 1.27 -6.38 9.58
CA ASN B 84 0.87 -6.54 11.01
C ASN B 84 -0.63 -6.52 11.22
N ASN B 85 -1.33 -5.60 10.58
CA ASN B 85 -2.79 -5.57 10.70
C ASN B 85 -3.41 -6.85 10.14
N LEU B 86 -2.89 -7.32 9.02
CA LEU B 86 -3.44 -8.52 8.38
C LEU B 86 -3.31 -9.75 9.28
N ILE B 87 -2.15 -9.99 9.87
CA ILE B 87 -2.01 -11.17 10.74
C ILE B 87 -2.82 -11.01 12.01
N MET B 88 -2.83 -9.80 12.60
CA MET B 88 -3.57 -9.59 13.83
C MET B 88 -5.07 -9.82 13.59
N LYS B 89 -5.62 -9.29 12.50
CA LYS B 89 -7.04 -9.43 12.26
C LYS B 89 -7.40 -10.86 12.00
N ASN B 90 -6.47 -11.64 11.49
CA ASN B 90 -6.71 -13.07 11.32
C ASN B 90 -6.88 -13.86 12.60
N PHE B 91 -6.58 -13.26 13.74
CA PHE B 91 -6.74 -13.94 15.02
C PHE B 91 -7.68 -13.21 15.97
N TYR B 92 -8.44 -12.23 15.50
CA TYR B 92 -9.42 -11.55 16.35
C TYR B 92 -10.38 -12.59 16.89
N ASP B 93 -10.68 -13.61 16.08
CA ASP B 93 -11.57 -14.70 16.51
C ASP B 93 -10.91 -15.73 17.43
N GLY B 94 -9.66 -15.48 17.84
CA GLY B 94 -9.00 -16.30 18.86
C GLY B 94 -8.38 -15.41 19.93
N ASP B 95 -7.45 -15.98 20.70
CA ASP B 95 -6.77 -15.29 21.78
C ASP B 95 -5.44 -14.81 21.26
N ILE B 96 -5.14 -13.53 21.49
CA ILE B 96 -3.90 -12.93 21.05
C ILE B 96 -3.10 -12.51 22.26
N PHE B 97 -1.79 -12.73 22.19
CA PHE B 97 -0.86 -12.31 23.21
C PHE B 97 0.28 -11.53 22.55
N ILE B 98 0.53 -10.30 23.03
CA ILE B 98 1.57 -9.44 22.49
C ILE B 98 2.54 -8.96 23.54
N SER B 99 3.77 -8.63 23.16
CA SER B 99 4.70 -8.05 24.14
C SER B 99 4.22 -6.63 24.51
N ALA B 100 4.66 -6.16 25.66
CA ALA B 100 4.36 -4.79 26.09
C ALA B 100 5.12 -3.73 25.27
N ILE B 101 6.01 -4.15 24.37
CA ILE B 101 6.81 -3.18 23.62
C ILE B 101 6.67 -3.23 22.10
N GLU B 102 5.55 -3.75 21.64
CA GLU B 102 5.30 -3.86 20.22
C GLU B 102 5.20 -2.46 19.56
N HIS B 103 5.52 -2.43 18.27
CA HIS B 103 5.25 -1.28 17.44
C HIS B 103 3.75 -1.00 17.50
N LEU B 104 3.33 0.25 17.34
CA LEU B 104 1.91 0.59 17.45
C LEU B 104 1.01 -0.19 16.50
N SER B 105 1.54 -0.59 15.34
CA SER B 105 0.79 -1.39 14.37
C SER B 105 0.33 -2.76 14.91
N ILE B 106 0.95 -3.24 15.98
CA ILE B 106 0.50 -4.44 16.71
C ILE B 106 -0.15 -3.99 18.01
N TYR B 107 0.51 -3.07 18.72
CA TYR B 107 0.11 -2.67 20.05
C TYR B 107 -1.30 -2.10 20.10
N ASN B 108 -1.64 -1.26 19.13
CA ASN B 108 -2.94 -0.59 19.17
C ASN B 108 -4.15 -1.49 18.93
N HIS B 109 -3.89 -2.73 18.51
CA HIS B 109 -4.94 -3.72 18.49
C HIS B 109 -5.53 -4.03 19.87
N ILE B 110 -4.89 -3.57 20.95
CA ILE B 110 -5.49 -3.60 22.28
CA ILE B 110 -5.52 -3.69 22.26
C ILE B 110 -6.88 -2.96 22.29
N ASN B 111 -7.05 -1.95 21.43
CA ASN B 111 -8.28 -1.17 21.40
C ASN B 111 -9.34 -1.76 20.49
N TYR B 112 -9.04 -2.87 19.81
CA TYR B 112 -9.99 -3.49 18.90
C TYR B 112 -10.25 -4.97 19.07
N ALA B 113 -9.19 -5.74 19.30
CA ALA B 113 -9.34 -7.19 19.34
C ALA B 113 -10.20 -7.60 20.53
N PRO B 114 -11.12 -8.54 20.31
CA PRO B 114 -11.96 -8.99 21.42
C PRO B 114 -11.21 -9.67 22.58
N ASN B 115 -10.17 -10.43 22.31
CA ASN B 115 -9.45 -11.08 23.41
C ASN B 115 -7.94 -10.98 23.15
N ILE B 116 -7.35 -9.93 23.70
CA ILE B 116 -5.94 -9.68 23.55
C ILE B 116 -5.35 -9.36 24.93
N LYS B 117 -4.21 -9.98 25.23
CA LYS B 117 -3.49 -9.77 26.47
C LYS B 117 -2.05 -9.34 26.21
N VAL B 118 -1.55 -8.47 27.08
CA VAL B 118 -0.23 -7.93 26.98
C VAL B 118 0.73 -8.68 27.88
N ILE B 119 1.81 -9.19 27.30
CA ILE B 119 2.82 -9.90 28.07
C ILE B 119 3.81 -8.86 28.56
N SER B 120 4.10 -8.88 29.85
CA SER B 120 4.95 -7.87 30.43
C SER B 120 6.42 -8.05 30.05
N VAL B 121 7.17 -6.97 30.16
CA VAL B 121 8.61 -7.03 30.06
C VAL B 121 9.24 -6.59 31.39
N ASN B 122 10.49 -6.99 31.60
CA ASN B 122 11.28 -6.48 32.74
C ASN B 122 11.88 -5.09 32.39
N THR B 123 12.64 -4.57 33.34
CA THR B 123 13.16 -3.19 33.27
C THR B 123 14.23 -3.04 32.20
N GLN B 124 14.71 -4.14 31.65
CA GLN B 124 15.63 -4.11 30.49
C GLN B 124 14.90 -4.40 29.18
N GLY B 125 13.58 -4.52 29.21
CA GLY B 125 12.79 -4.75 27.97
C GLY B 125 12.62 -6.18 27.49
N LEU B 126 13.01 -7.15 28.30
CA LEU B 126 12.90 -8.56 27.92
C LEU B 126 11.54 -9.10 28.35
N VAL B 127 10.93 -9.86 27.45
CA VAL B 127 9.64 -10.49 27.68
C VAL B 127 9.73 -11.46 28.86
N ASP B 128 8.75 -11.40 29.75
CA ASP B 128 8.68 -12.28 30.92
C ASP B 128 8.07 -13.61 30.45
N LEU B 129 8.92 -14.63 30.31
CA LEU B 129 8.50 -15.90 29.75
C LEU B 129 7.58 -16.65 30.70
N GLU B 130 7.78 -16.47 31.99
CA GLU B 130 6.91 -17.07 32.99
C GLU B 130 5.49 -16.48 32.85
N HIS B 131 5.40 -15.18 32.60
CA HIS B 131 4.10 -14.54 32.41
C HIS B 131 3.45 -15.01 31.11
N LEU B 132 4.26 -15.18 30.07
CA LEU B 132 3.78 -15.72 28.81
C LEU B 132 3.12 -17.10 29.03
N GLU B 133 3.80 -18.00 29.76
CA GLU B 133 3.28 -19.36 30.01
C GLU B 133 1.98 -19.32 30.76
N GLU B 134 1.97 -18.54 31.83
CA GLU B 134 0.79 -18.29 32.65
C GLU B 134 -0.39 -17.88 31.75
N LEU B 135 -0.17 -16.89 30.89
CA LEU B 135 -1.21 -16.41 30.00
C LEU B 135 -1.70 -17.50 29.04
N LEU B 136 -0.77 -18.27 28.48
CA LEU B 136 -1.13 -19.31 27.55
C LEU B 136 -1.88 -20.45 28.25
N ALA B 137 -1.50 -20.75 29.49
CA ALA B 137 -2.13 -21.82 30.27
C ALA B 137 -3.55 -21.42 30.66
N GLN B 138 -3.79 -20.13 30.86
CA GLN B 138 -5.13 -19.63 31.16
C GLN B 138 -6.09 -19.60 29.95
N SER B 139 -5.60 -19.65 28.72
CA SER B 139 -6.47 -19.55 27.55
C SER B 139 -7.30 -20.84 27.32
N ASN B 140 -8.55 -20.67 26.92
CA ASN B 140 -9.47 -21.78 26.63
C ASN B 140 -9.79 -21.95 25.15
N THR B 141 -9.23 -21.11 24.30
CA THR B 141 -9.50 -21.14 22.88
C THR B 141 -8.37 -21.85 22.19
N SER B 142 -8.68 -22.71 21.25
CA SER B 142 -7.60 -23.46 20.58
C SER B 142 -6.85 -22.57 19.57
N LYS B 143 -7.54 -21.61 18.98
CA LYS B 143 -6.86 -20.67 18.07
C LYS B 143 -6.17 -19.54 18.82
N LYS B 144 -4.83 -19.58 18.87
CA LYS B 144 -4.03 -18.64 19.62
C LYS B 144 -2.88 -18.07 18.79
N LEU B 145 -2.59 -16.80 19.02
CA LEU B 145 -1.48 -16.11 18.36
C LEU B 145 -0.61 -15.41 19.40
N VAL B 146 0.68 -15.72 19.36
CA VAL B 146 1.64 -14.98 20.14
C VAL B 146 2.47 -14.12 19.19
N SER B 147 2.53 -12.84 19.46
CA SER B 147 3.22 -11.91 18.59
C SER B 147 4.24 -11.12 19.41
N ILE B 148 5.51 -11.30 19.09
CA ILE B 148 6.60 -10.68 19.83
C ILE B 148 7.63 -10.11 18.88
N ILE B 149 7.81 -8.79 18.99
CA ILE B 149 8.79 -8.03 18.19
C ILE B 149 10.22 -8.55 18.43
N MET B 150 10.90 -8.99 17.38
CA MET B 150 12.26 -9.52 17.51
C MET B 150 13.25 -8.45 17.99
N ALA B 151 13.20 -7.29 17.32
CA ALA B 151 14.13 -6.19 17.55
C ALA B 151 13.34 -4.89 17.70
N ASN B 152 13.44 -4.27 18.87
CA ASN B 152 12.58 -3.15 19.18
C ASN B 152 13.03 -1.88 18.48
N ASN B 153 12.08 -1.18 17.90
CA ASN B 153 12.37 0.03 17.13
C ASN B 153 12.83 1.24 17.95
N GLU B 154 12.50 1.30 19.23
CA GLU B 154 12.93 2.42 20.09
C GLU B 154 14.33 2.18 20.66
N SER B 155 14.53 1.00 21.24
CA SER B 155 15.71 0.70 22.06
C SER B 155 16.72 -0.26 21.41
N GLY B 156 16.26 -1.02 20.42
CA GLY B 156 17.09 -2.04 19.78
C GLY B 156 17.14 -3.35 20.52
N VAL B 157 16.41 -3.46 21.62
CA VAL B 157 16.43 -4.70 22.42
C VAL B 157 15.94 -5.94 21.66
N LEU B 158 16.70 -7.04 21.78
CA LEU B 158 16.43 -8.30 21.09
C LEU B 158 15.78 -9.29 22.03
N GLN B 159 14.71 -9.94 21.58
CA GLN B 159 14.09 -11.01 22.35
C GLN B 159 14.67 -12.35 21.92
N ASP B 160 14.57 -13.33 22.81
CA ASP B 160 15.05 -14.65 22.52
C ASP B 160 13.90 -15.40 21.83
N ILE B 161 13.78 -15.15 20.53
CA ILE B 161 12.67 -15.65 19.77
C ILE B 161 12.61 -17.18 19.75
N ALA B 162 13.78 -17.84 19.68
CA ALA B 162 13.85 -19.28 19.63
C ALA B 162 13.28 -19.90 20.91
N GLU B 163 13.64 -19.33 22.06
CA GLU B 163 13.12 -19.80 23.32
C GLU B 163 11.60 -19.57 23.42
N ILE B 164 11.16 -18.37 23.03
CA ILE B 164 9.76 -18.06 23.06
C ILE B 164 9.01 -19.10 22.22
N GLY B 165 9.58 -19.47 21.08
CA GLY B 165 8.96 -20.41 20.17
C GLY B 165 8.75 -21.79 20.76
N LYS B 166 9.63 -22.20 21.68
CA LYS B 166 9.46 -23.49 22.35
C LYS B 166 8.20 -23.45 23.22
N ILE B 167 8.03 -22.33 23.93
CA ILE B 167 6.86 -22.12 24.77
C ILE B 167 5.57 -22.06 23.94
N THR B 168 5.59 -21.34 22.81
CA THR B 168 4.40 -21.28 21.98
C THR B 168 4.01 -22.65 21.43
N LYS B 169 4.99 -23.43 21.02
CA LYS B 169 4.73 -24.79 20.53
C LYS B 169 4.16 -25.68 21.65
N LYS B 170 4.63 -25.52 22.90
CA LYS B 170 4.11 -26.30 24.06
C LYS B 170 2.61 -26.07 24.25
N TYR B 171 2.13 -24.85 24.04
CA TYR B 171 0.71 -24.57 24.19
C TYR B 171 -0.06 -24.54 22.87
N GLU B 172 0.57 -25.01 21.81
CA GLU B 172 -0.04 -25.08 20.49
C GLU B 172 -0.55 -23.72 20.01
N ALA B 173 0.22 -22.67 20.28
CA ALA B 173 -0.09 -21.33 19.80
C ALA B 173 0.69 -21.10 18.52
N LYS B 174 0.13 -20.28 17.64
CA LYS B 174 0.90 -19.80 16.48
C LYS B 174 1.83 -18.67 16.91
N PHE B 175 2.91 -18.47 16.16
CA PHE B 175 3.95 -17.56 16.58
C PHE B 175 4.32 -16.60 15.46
N HIS B 176 4.13 -15.32 15.72
CA HIS B 176 4.47 -14.26 14.77
C HIS B 176 5.51 -13.38 15.40
N SER B 177 6.46 -12.94 14.62
CA SER B 177 7.36 -11.89 15.05
C SER B 177 7.44 -10.76 14.05
N ASP B 178 7.33 -9.54 14.55
CA ASP B 178 7.62 -8.35 13.76
C ASP B 178 9.14 -8.25 13.64
N LEU B 179 9.65 -8.53 12.43
CA LEU B 179 11.10 -8.53 12.12
C LEU B 179 11.59 -7.23 11.49
N VAL B 180 10.76 -6.21 11.48
CA VAL B 180 11.05 -5.04 10.68
C VAL B 180 12.41 -4.35 10.98
N GLN B 181 12.79 -4.25 12.26
CA GLN B 181 14.06 -3.66 12.64
C GLN B 181 15.22 -4.65 12.74
N GLY B 182 14.97 -5.94 12.52
CA GLY B 182 16.02 -6.93 12.49
C GLY B 182 16.41 -7.37 11.09
N PHE B 183 15.44 -7.42 10.20
CA PHE B 183 15.66 -7.93 8.83
C PHE B 183 16.71 -7.08 8.14
N GLY B 184 17.66 -7.74 7.50
CA GLY B 184 18.77 -7.09 6.81
C GLY B 184 19.83 -6.46 7.69
N ARG B 185 19.75 -6.69 9.01
CA ARG B 185 20.72 -6.19 9.95
C ARG B 185 21.38 -7.31 10.73
N ILE B 186 20.55 -8.25 11.19
CA ILE B 186 21.04 -9.47 11.80
C ILE B 186 20.53 -10.69 11.03
N PRO B 187 21.28 -11.80 11.04
CA PRO B 187 20.81 -13.03 10.37
C PRO B 187 19.49 -13.53 10.94
N ILE B 188 18.61 -13.98 10.06
CA ILE B 188 17.32 -14.52 10.49
C ILE B 188 16.98 -15.73 9.66
N ASN B 189 16.71 -16.83 10.34
CA ASN B 189 16.21 -18.02 9.70
C ASN B 189 14.85 -18.35 10.32
N ILE B 190 13.76 -18.03 9.61
CA ILE B 190 12.47 -18.13 10.23
C ILE B 190 12.08 -19.55 10.61
N LYS B 191 12.50 -20.53 9.82
CA LYS B 191 12.20 -21.92 10.12
C LYS B 191 12.90 -22.33 11.41
N ALA B 192 14.20 -22.06 11.48
CA ALA B 192 15.00 -22.43 12.66
C ALA B 192 14.44 -21.76 13.92
N LEU B 193 13.93 -20.54 13.78
CA LEU B 193 13.38 -19.84 14.93
C LEU B 193 12.04 -20.40 15.39
N GLY B 194 11.37 -21.15 14.53
CA GLY B 194 10.07 -21.72 14.87
C GLY B 194 8.91 -20.76 14.66
N LEU B 195 9.06 -19.81 13.76
CA LEU B 195 8.01 -18.83 13.50
C LEU B 195 6.99 -19.35 12.51
N ASP B 196 5.71 -19.15 12.80
CA ASP B 196 4.65 -19.36 11.80
C ASP B 196 4.48 -18.15 10.88
N PHE B 197 4.71 -16.97 11.43
CA PHE B 197 4.43 -15.74 10.71
C PHE B 197 5.51 -14.73 10.97
N ALA B 198 5.70 -13.82 10.02
CA ALA B 198 6.64 -12.74 10.24
C ALA B 198 6.30 -11.54 9.38
N THR B 199 6.65 -10.36 9.86
CA THR B 199 6.45 -9.12 9.09
C THR B 199 7.78 -8.41 8.79
N ILE B 200 7.92 -7.94 7.54
CA ILE B 200 9.11 -7.19 7.11
C ILE B 200 8.69 -6.04 6.23
N SER B 201 9.57 -5.03 6.10
CA SER B 201 9.23 -3.79 5.40
C SER B 201 10.40 -3.24 4.61
N GLY B 202 10.13 -2.86 3.36
CA GLY B 202 11.15 -2.51 2.43
C GLY B 202 11.84 -1.19 2.70
N HIS B 203 11.11 -0.16 3.09
CA HIS B 203 11.73 1.15 3.18
C HIS B 203 12.77 1.23 4.29
N1 LLP B 204 7.14 -2.65 12.98
C2 LLP B 204 8.28 -2.05 13.39
C2' LLP B 204 9.07 -2.66 14.50
C3 LLP B 204 8.72 -0.79 12.73
O3 LLP B 204 9.80 -0.12 13.07
C4 LLP B 204 7.93 -0.21 11.62
C4' LLP B 204 8.34 1.08 10.96
C5 LLP B 204 6.69 -0.95 11.29
C6 LLP B 204 6.38 -2.12 12.00
C5' LLP B 204 5.78 -0.43 10.20
OP4 LLP B 204 6.35 -0.42 8.93
P LLP B 204 5.84 0.58 7.75
OP1 LLP B 204 6.27 -0.17 6.49
OP2 LLP B 204 4.37 0.73 7.96
OP3 LLP B 204 6.67 1.83 8.03
N LLP B 204 12.57 0.46 5.35
CA LLP B 204 13.49 0.47 6.46
CB LLP B 204 12.87 -0.16 7.72
CG LLP B 204 11.50 0.39 8.19
CD LLP B 204 11.55 1.67 8.97
CE LLP B 204 10.23 2.10 9.68
NZ LLP B 204 9.71 1.10 10.59
C LLP B 204 14.80 -0.22 6.11
O LLP B 204 15.74 -0.11 6.87
N ILE B 205 14.87 -0.94 5.00
CA ILE B 205 16.11 -1.55 4.57
C ILE B 205 16.67 -0.98 3.25
N GLY B 206 16.19 0.19 2.83
CA GLY B 206 16.71 0.86 1.61
C GLY B 206 16.11 0.45 0.27
N GLY B 207 14.94 -0.18 0.33
CA GLY B 207 14.21 -0.64 -0.85
C GLY B 207 13.17 0.37 -1.32
N GLY B 208 13.09 1.51 -0.66
CA GLY B 208 12.06 2.49 -0.98
C GLY B 208 10.75 2.08 -0.34
N GLN B 209 9.80 3.00 -0.40
CA GLN B 209 8.49 2.79 0.20
C GLN B 209 7.61 2.03 -0.73
N GLY B 210 6.67 1.30 -0.13
CA GLY B 210 5.56 0.69 -0.86
C GLY B 210 5.62 -0.79 -0.99
N GLY B 211 6.75 -1.36 -0.55
CA GLY B 211 6.98 -2.80 -0.57
C GLY B 211 7.18 -3.32 0.84
N ALA B 212 6.53 -4.45 1.13
CA ALA B 212 6.58 -5.09 2.44
C ALA B 212 5.96 -6.46 2.29
N ALA B 213 5.96 -7.24 3.37
CA ALA B 213 5.42 -8.58 3.29
C ALA B 213 5.05 -9.18 4.61
N LEU B 214 4.02 -10.01 4.57
CA LEU B 214 3.72 -10.97 5.63
C LEU B 214 4.11 -12.35 5.16
N ILE B 215 4.97 -12.99 5.94
CA ILE B 215 5.40 -14.32 5.63
C ILE B 215 4.50 -15.23 6.47
N SER B 216 4.03 -16.34 5.90
CA SER B 216 3.13 -17.22 6.65
C SER B 216 3.30 -18.68 6.33
N SER B 217 3.26 -19.51 7.36
CA SER B 217 3.20 -20.94 7.19
C SER B 217 2.13 -21.38 6.19
N SER B 218 2.54 -22.25 5.25
CA SER B 218 1.60 -22.79 4.22
C SER B 218 0.54 -23.73 4.80
N ASN B 219 0.64 -24.19 6.05
CA ASN B 219 -0.50 -24.92 6.62
C ASN B 219 -1.49 -23.99 7.33
N PHE B 220 -1.37 -22.69 7.13
CA PHE B 220 -2.39 -21.76 7.64
C PHE B 220 -2.89 -20.90 6.50
N GLN B 221 -4.21 -20.85 6.34
CA GLN B 221 -4.84 -20.00 5.33
C GLN B 221 -5.09 -18.62 5.91
N ILE B 222 -4.42 -17.61 5.38
CA ILE B 222 -4.71 -16.25 5.75
C ILE B 222 -5.97 -15.81 5.04
N THR B 223 -6.91 -15.21 5.77
CA THR B 223 -8.10 -14.61 5.14
C THR B 223 -7.81 -13.13 4.86
N PRO B 224 -8.28 -12.62 3.71
CA PRO B 224 -7.90 -11.26 3.29
C PRO B 224 -8.61 -10.14 4.04
N MET B 225 -7.90 -9.03 4.21
CA MET B 225 -8.54 -7.78 4.58
C MET B 225 -9.04 -7.05 3.33
N ILE B 226 -8.28 -7.14 2.24
CA ILE B 226 -8.55 -6.41 1.05
C ILE B 226 -8.90 -7.33 -0.11
N ILE B 227 -10.14 -7.21 -0.61
CA ILE B 227 -10.63 -8.09 -1.65
C ILE B 227 -10.77 -7.36 -2.96
N GLY B 228 -10.89 -8.13 -4.03
CA GLY B 228 -11.03 -7.60 -5.37
C GLY B 228 -10.53 -8.56 -6.40
N GLY B 229 -9.46 -8.18 -7.07
CA GLY B 229 -8.94 -8.96 -8.19
C GLY B 229 -8.18 -10.23 -7.88
N GLY B 230 -7.98 -10.61 -6.61
CA GLY B 230 -7.38 -11.95 -6.38
C GLY B 230 -5.85 -12.01 -6.46
N GLN B 231 -5.20 -10.84 -6.45
CA GLN B 231 -3.76 -10.79 -6.37
C GLN B 231 -3.29 -11.47 -5.09
N GLU B 232 -2.03 -11.90 -5.14
CA GLU B 232 -1.38 -12.62 -4.02
C GLU B 232 -2.24 -13.80 -3.52
N LYS B 233 -2.76 -14.58 -4.47
CA LYS B 233 -3.58 -15.76 -4.18
C LYS B 233 -4.80 -15.45 -3.34
N SER B 234 -5.38 -14.28 -3.61
CA SER B 234 -6.58 -13.77 -2.95
C SER B 234 -6.40 -13.46 -1.49
N VAL B 235 -5.16 -13.30 -1.04
CA VAL B 235 -4.91 -12.87 0.33
C VAL B 235 -4.84 -11.37 0.43
N ARG B 236 -4.57 -10.69 -0.69
CA ARG B 236 -4.32 -9.24 -0.67
C ARG B 236 -4.47 -8.68 -2.08
N SER B 237 -5.66 -8.18 -2.37
CA SER B 237 -5.99 -7.70 -3.71
C SER B 237 -5.49 -6.28 -3.91
N GLY B 238 -5.54 -5.85 -5.16
CA GLY B 238 -5.03 -4.55 -5.56
C GLY B 238 -3.87 -4.80 -6.49
N THR B 239 -3.69 -3.89 -7.44
CA THR B 239 -2.60 -4.02 -8.39
C THR B 239 -1.30 -3.94 -7.58
N GLU B 240 -0.42 -4.91 -7.80
CA GLU B 240 0.83 -4.99 -7.06
C GLU B 240 1.70 -3.79 -7.42
N ASN B 241 2.37 -3.24 -6.40
CA ASN B 241 3.31 -2.14 -6.58
C ASN B 241 4.66 -2.75 -7.01
N VAL B 242 4.75 -2.99 -8.31
CA VAL B 242 5.85 -3.77 -8.85
C VAL B 242 7.22 -3.14 -8.61
N LEU B 243 7.33 -1.83 -8.83
CA LEU B 243 8.60 -1.11 -8.65
C LEU B 243 9.08 -1.18 -7.20
N ALA B 244 8.16 -1.00 -6.26
CA ALA B 244 8.51 -1.09 -4.84
C ALA B 244 8.88 -2.50 -4.43
N ILE B 245 8.17 -3.46 -4.97
CA ILE B 245 8.48 -4.88 -4.68
C ILE B 245 9.87 -5.22 -5.22
N ALA B 246 10.13 -4.83 -6.46
CA ALA B 246 11.42 -5.00 -7.10
C ALA B 246 12.53 -4.37 -6.24
N GLY B 247 12.33 -3.12 -5.80
CA GLY B 247 13.30 -2.47 -4.90
C GLY B 247 13.52 -3.23 -3.59
N PHE B 248 12.42 -3.68 -2.98
CA PHE B 248 12.43 -4.47 -1.77
C PHE B 248 13.26 -5.73 -1.94
N GLY B 249 13.05 -6.43 -3.04
CA GLY B 249 13.78 -7.65 -3.29
C GLY B 249 15.27 -7.39 -3.43
N LEU B 250 15.64 -6.37 -4.20
CA LEU B 250 17.04 -6.09 -4.41
C LEU B 250 17.72 -5.63 -3.11
N ALA B 251 17.02 -4.81 -2.33
CA ALA B 251 17.57 -4.40 -1.04
C ALA B 251 17.74 -5.59 -0.09
N SER B 252 16.78 -6.51 -0.09
CA SER B 252 16.89 -7.72 0.75
C SER B 252 18.12 -8.55 0.39
N ALA B 253 18.32 -8.76 -0.90
CA ALA B 253 19.47 -9.52 -1.37
C ALA B 253 20.77 -8.84 -1.04
N LEU B 254 20.87 -7.53 -1.28
CA LEU B 254 22.08 -6.79 -0.93
C LEU B 254 22.38 -6.84 0.57
N ARG B 255 21.37 -6.59 1.38
CA ARG B 255 21.60 -6.58 2.80
C ARG B 255 22.06 -7.95 3.30
N THR B 256 21.41 -9.00 2.81
CA THR B 256 21.70 -10.39 3.22
C THR B 256 23.09 -10.83 2.73
N ASP B 257 23.47 -10.49 1.50
CA ASP B 257 24.83 -10.79 1.01
C ASP B 257 25.93 -10.03 1.76
N ASN B 258 25.65 -8.83 2.25
CA ASN B 258 26.68 -8.03 2.93
C ASN B 258 26.43 -7.90 4.41
N ILE B 259 25.70 -8.84 4.99
CA ILE B 259 25.25 -8.67 6.35
C ILE B 259 26.41 -8.62 7.36
N SER B 260 27.47 -9.41 7.15
CA SER B 260 28.65 -9.34 8.03
C SER B 260 29.43 -8.04 7.97
N GLU B 261 29.86 -7.65 6.78
CA GLU B 261 30.55 -6.34 6.62
C GLU B 261 29.70 -5.20 7.19
N ASN B 262 28.39 -5.21 6.92
CA ASN B 262 27.52 -4.11 7.41
C ASN B 262 27.42 -4.17 8.93
N TYR B 263 27.32 -5.38 9.49
CA TYR B 263 27.18 -5.55 10.92
C TYR B 263 28.39 -4.97 11.63
N ILE B 264 29.58 -5.31 11.13
CA ILE B 264 30.81 -4.86 11.74
C ILE B 264 30.95 -3.34 11.67
N LYS B 265 30.62 -2.78 10.51
CA LYS B 265 30.72 -1.36 10.33
C LYS B 265 29.80 -0.62 11.29
N ILE B 266 28.56 -1.07 11.39
CA ILE B 266 27.57 -0.40 12.22
C ILE B 266 27.90 -0.56 13.71
N LYS B 267 28.25 -1.77 14.09
CA LYS B 267 28.62 -2.07 15.46
C LYS B 267 29.78 -1.18 15.95
N LYS B 268 30.80 -0.97 15.12
CA LYS B 268 31.89 -0.05 15.49
C LYS B 268 31.42 1.38 15.71
N LEU B 269 30.47 1.86 14.88
CA LEU B 269 29.94 3.23 15.08
C LEU B 269 29.20 3.31 16.42
N GLN B 270 28.40 2.30 16.72
CA GLN B 270 27.68 2.22 17.98
C GLN B 270 28.65 2.22 19.18
N GLU B 271 29.67 1.40 19.13
CA GLU B 271 30.64 1.33 20.23
C GLU B 271 31.31 2.69 20.40
N ASN B 272 31.65 3.33 19.29
CA ASN B 272 32.23 4.66 19.32
C ASN B 272 31.25 5.67 19.96
N LEU B 273 30.04 5.72 19.47
CA LEU B 273 29.02 6.62 20.00
C LEU B 273 28.77 6.40 21.46
N GLU B 274 28.62 5.15 21.86
CA GLU B 274 28.25 4.86 23.23
C GLU B 274 29.40 5.09 24.20
N LYS B 275 30.63 4.81 23.80
CA LYS B 275 31.79 5.14 24.67
C LYS B 275 31.82 6.67 24.89
N LYS B 276 31.54 7.44 23.85
CA LYS B 276 31.52 8.88 23.99
C LYS B 276 30.39 9.35 24.92
N LEU B 277 29.19 8.80 24.75
CA LEU B 277 28.06 9.25 25.56
C LEU B 277 28.27 8.95 27.04
N LYS B 278 28.96 7.85 27.35
CA LYS B 278 29.20 7.48 28.74
C LYS B 278 30.29 8.31 29.43
N LYS B 279 30.99 9.20 28.70
CA LYS B 279 31.82 10.21 29.32
C LYS B 279 31.01 11.41 29.89
N TYR B 280 29.68 11.43 29.76
CA TYR B 280 28.85 12.44 30.41
C TYR B 280 28.07 11.81 31.53
N PRO B 281 27.87 12.55 32.62
CA PRO B 281 26.98 12.04 33.68
C PRO B 281 25.50 12.10 33.34
N ASN B 282 24.73 11.20 33.97
CA ASN B 282 23.30 11.09 33.88
CA ASN B 282 23.26 11.27 33.88
C ASN B 282 22.75 10.96 32.46
N VAL B 283 23.54 10.22 31.68
CA VAL B 283 23.07 9.70 30.41
C VAL B 283 22.87 8.19 30.54
N ASN B 284 21.63 7.73 30.40
CA ASN B 284 21.32 6.31 30.57
C ASN B 284 20.99 5.63 29.23
N ILE B 285 21.76 4.63 28.87
CA ILE B 285 21.49 3.88 27.69
C ILE B 285 20.48 2.77 28.03
N VAL B 286 19.31 2.85 27.42
CA VAL B 286 18.22 1.91 27.63
C VAL B 286 18.59 0.54 27.09
N SER B 287 18.42 -0.48 27.92
CA SER B 287 18.71 -1.87 27.59
C SER B 287 20.21 -2.05 27.32
N ASN B 288 21.03 -1.28 28.05
CA ASN B 288 22.49 -1.32 27.94
CA ASN B 288 22.49 -1.31 27.90
C ASN B 288 23.05 -2.68 28.23
N ASN B 289 22.36 -3.41 29.10
CA ASN B 289 22.88 -4.66 29.64
C ASN B 289 22.14 -5.86 29.21
N VAL B 290 21.51 -5.81 28.06
CA VAL B 290 20.97 -7.01 27.44
C VAL B 290 21.27 -6.93 25.95
N ALA B 291 21.10 -8.04 25.22
CA ALA B 291 21.39 -8.04 23.80
C ALA B 291 20.55 -7.01 23.02
N ARG B 292 21.21 -6.22 22.18
CA ARG B 292 20.57 -5.25 21.32
C ARG B 292 21.10 -5.34 19.90
N LEU B 293 20.31 -4.77 18.99
CA LEU B 293 20.77 -4.52 17.63
C LEU B 293 22.11 -3.75 17.66
N PRO B 294 22.91 -3.89 16.61
CA PRO B 294 24.14 -3.12 16.52
C PRO B 294 23.98 -1.64 16.16
N ASN B 295 22.77 -1.17 15.85
CA ASN B 295 22.62 0.15 15.26
C ASN B 295 21.88 1.18 16.08
N THR B 296 21.26 0.77 17.18
CA THR B 296 20.30 1.65 17.88
C THR B 296 20.78 1.97 19.28
N THR B 297 20.79 3.29 19.57
CA THR B 297 21.13 3.78 20.89
C THR B 297 19.99 4.67 21.36
N LEU B 298 19.30 4.23 22.40
CA LEU B 298 18.25 5.00 23.05
C LEU B 298 18.73 5.43 24.43
N ILE B 299 18.76 6.73 24.65
CA ILE B 299 19.24 7.29 25.91
C ILE B 299 18.17 8.13 26.58
N THR B 300 18.18 8.12 27.91
CA THR B 300 17.37 9.02 28.73
C THR B 300 18.33 9.93 29.43
N ILE B 301 17.89 11.16 29.66
CA ILE B 301 18.68 12.18 30.32
C ILE B 301 17.72 12.87 31.29
N PRO B 302 17.60 12.35 32.51
CA PRO B 302 16.65 12.88 33.47
C PRO B 302 16.74 14.40 33.63
N ASN B 303 15.59 15.02 33.83
CA ASN B 303 15.45 16.46 34.05
C ASN B 303 15.69 17.31 32.79
N THR B 304 15.51 16.70 31.62
CA THR B 304 15.46 17.40 30.34
C THR B 304 14.24 16.97 29.58
N ASP B 305 13.82 17.79 28.64
CA ASP B 305 12.64 17.54 27.86
C ASP B 305 13.08 17.25 26.41
N ALA B 306 12.88 16.01 25.94
CA ALA B 306 13.34 15.63 24.61
C ALA B 306 12.76 16.48 23.47
N GLN B 307 11.51 16.92 23.61
CA GLN B 307 10.86 17.77 22.62
C GLN B 307 11.63 19.10 22.41
N ALA B 308 12.11 19.67 23.51
CA ALA B 308 12.94 20.86 23.46
C ALA B 308 14.33 20.61 22.89
N LYS B 309 14.95 19.51 23.33
CA LYS B 309 16.29 19.19 22.90
C LYS B 309 16.32 18.88 21.41
N LEU B 310 15.25 18.29 20.91
CA LEU B 310 15.17 17.97 19.50
C LEU B 310 15.15 19.25 18.61
N ILE B 311 14.61 20.34 19.16
CA ILE B 311 14.73 21.62 18.48
C ILE B 311 16.20 22.01 18.38
N GLY B 312 16.92 21.83 19.49
CA GLY B 312 18.36 21.96 19.48
C GLY B 312 19.02 21.16 18.35
N PHE B 313 18.66 19.89 18.24
CA PHE B 313 19.34 19.04 17.27
C PHE B 313 19.02 19.50 15.84
N ASP B 314 17.78 19.91 15.63
CA ASP B 314 17.35 20.33 14.31
C ASP B 314 18.10 21.60 13.88
N LEU B 315 18.30 22.50 14.84
CA LEU B 315 19.11 23.68 14.61
C LEU B 315 20.58 23.39 14.33
N HIS B 316 21.06 22.22 14.76
CA HIS B 316 22.43 21.79 14.48
C HIS B 316 22.45 20.91 13.26
N ASN B 317 21.35 20.88 12.51
CA ASN B 317 21.22 20.04 11.31
C ASN B 317 21.42 18.54 11.57
N ILE B 318 20.90 18.06 12.68
CA ILE B 318 20.98 16.64 13.03
C ILE B 318 19.54 16.10 13.12
N CYS B 319 19.29 15.00 12.41
CA CYS B 319 18.01 14.29 12.49
C CYS B 319 18.13 13.10 13.44
N VAL B 320 17.51 13.26 14.60
CA VAL B 320 17.31 12.13 15.52
C VAL B 320 15.86 12.19 15.93
N SER B 321 15.44 11.36 16.87
CA SER B 321 14.05 11.36 17.31
C SER B 321 13.97 11.02 18.80
N SER B 322 12.74 10.98 19.28
CA SER B 322 12.45 10.58 20.63
C SER B 322 11.84 9.20 20.69
N GLY B 323 11.58 8.76 21.92
CA GLY B 323 10.86 7.50 22.19
C GLY B 323 9.36 7.78 22.23
N SER B 334 5.73 7.54 25.46
CA SER B 334 6.41 6.25 25.08
C SER B 334 5.89 5.04 25.85
N HIS B 335 5.01 4.27 25.22
CA HIS B 335 4.50 3.05 25.86
C HIS B 335 5.64 2.07 26.16
N VAL B 336 6.68 2.09 25.32
CA VAL B 336 7.81 1.18 25.50
C VAL B 336 8.54 1.46 26.82
N LEU B 337 8.95 2.71 27.02
CA LEU B 337 9.63 3.07 28.26
C LEU B 337 8.72 2.94 29.50
N THR B 338 7.45 3.33 29.33
CA THR B 338 6.45 3.23 30.40
C THR B 338 6.27 1.77 30.83
N ASN B 339 6.17 0.86 29.87
CA ASN B 339 5.97 -0.57 30.15
C ASN B 339 7.20 -1.26 30.68
N MET B 340 8.36 -0.63 30.48
CA MET B 340 9.61 -1.03 31.12
C MET B 340 9.79 -0.49 32.55
N GLY B 341 8.80 0.26 33.05
CA GLY B 341 8.84 0.80 34.41
C GLY B 341 9.50 2.17 34.53
N VAL B 342 9.81 2.81 33.41
CA VAL B 342 10.41 4.15 33.45
C VAL B 342 9.33 5.18 33.77
N GLY B 343 9.63 6.06 34.74
CA GLY B 343 8.71 7.14 35.10
C GLY B 343 8.50 8.13 33.97
N GLU B 344 7.41 8.88 34.06
CA GLU B 344 6.93 9.75 33.00
C GLU B 344 7.90 10.86 32.64
N GLU B 345 8.51 11.48 33.64
CA GLU B 345 9.47 12.55 33.40
C GLU B 345 10.66 12.01 32.61
N GLU B 346 11.27 10.94 33.12
CA GLU B 346 12.39 10.32 32.43
C GLU B 346 12.06 9.82 31.02
N ALA B 347 10.89 9.23 30.85
CA ALA B 347 10.42 8.79 29.54
C ALA B 347 10.35 9.93 28.53
N LYS B 348 9.89 11.12 28.97
CA LYS B 348 9.79 12.28 28.05
C LYS B 348 11.18 12.89 27.77
N SER B 349 12.25 12.30 28.32
CA SER B 349 13.61 12.79 28.05
C SER B 349 14.37 12.00 26.99
N SER B 350 13.78 10.94 26.44
CA SER B 350 14.53 10.02 25.58
C SER B 350 14.90 10.57 24.20
N ILE B 351 16.11 10.22 23.76
CA ILE B 351 16.60 10.50 22.43
C ILE B 351 17.11 9.20 21.81
N ARG B 352 16.66 8.93 20.59
CA ARG B 352 17.06 7.74 19.83
C ARG B 352 17.99 8.13 18.67
N ILE B 353 19.18 7.53 18.68
CA ILE B 353 20.13 7.62 17.62
C ILE B 353 20.18 6.26 16.93
N SER B 354 19.80 6.22 15.66
CA SER B 354 19.73 4.94 14.95
C SER B 354 20.50 5.00 13.64
N LEU B 355 21.39 4.03 13.47
CA LEU B 355 22.40 4.07 12.44
C LEU B 355 22.13 3.17 11.27
N SER B 356 22.81 3.50 10.18
CA SER B 356 22.87 2.69 9.00
C SER B 356 24.34 2.42 8.67
N HIS B 357 24.60 1.41 7.86
CA HIS B 357 25.92 1.16 7.35
C HIS B 357 26.48 2.35 6.52
N THR B 358 25.60 3.27 6.14
CA THR B 358 26.03 4.48 5.41
C THR B 358 26.51 5.58 6.34
N ASN B 359 26.23 5.47 7.64
CA ASN B 359 26.75 6.47 8.59
C ASN B 359 28.27 6.37 8.67
N THR B 360 28.89 7.46 9.13
CA THR B 360 30.34 7.51 9.27
C THR B 360 30.76 7.91 10.70
N VAL B 361 32.06 7.70 11.00
CA VAL B 361 32.65 8.22 12.26
C VAL B 361 32.37 9.73 12.38
N ARG B 362 32.43 10.43 11.25
CA ARG B 362 32.24 11.86 11.21
C ARG B 362 30.82 12.23 11.67
N ASP B 363 29.82 11.45 11.23
CA ASP B 363 28.44 11.69 11.69
C ASP B 363 28.31 11.61 13.21
N ILE B 364 29.00 10.63 13.80
CA ILE B 364 29.00 10.43 15.25
C ILE B 364 29.66 11.62 15.94
N GLU B 365 30.80 12.07 15.41
CA GLU B 365 31.53 13.19 15.99
C GLU B 365 30.67 14.45 15.92
N ALA B 366 29.98 14.64 14.80
CA ALA B 366 29.09 15.79 14.67
C ALA B 366 27.92 15.70 15.66
N PHE B 367 27.38 14.49 15.88
CA PHE B 367 26.34 14.33 16.85
C PHE B 367 26.83 14.74 18.26
N ILE B 368 28.00 14.25 18.64
CA ILE B 368 28.59 14.52 19.95
C ILE B 368 28.92 16.00 20.15
N GLU B 369 29.43 16.66 19.13
CA GLU B 369 29.71 18.08 19.21
C GLU B 369 28.39 18.84 19.47
N ALA B 370 27.31 18.47 18.76
CA ALA B 370 26.00 19.09 18.99
C ALA B 370 25.45 18.71 20.39
N PHE B 371 25.60 17.45 20.77
CA PHE B 371 25.16 16.99 22.09
C PHE B 371 25.74 17.83 23.22
N GLU B 372 27.05 18.09 23.16
CA GLU B 372 27.75 18.84 24.20
C GLU B 372 27.22 20.28 24.34
N GLU B 373 26.87 20.91 23.21
CA GLU B 373 26.28 22.24 23.22
C GLU B 373 24.84 22.20 23.74
N ILE B 374 24.04 21.29 23.20
CA ILE B 374 22.61 21.25 23.49
C ILE B 374 22.36 20.89 24.95
N TYR B 375 23.20 20.01 25.50
CA TYR B 375 23.05 19.57 26.89
C TYR B 375 24.06 20.24 27.84
N ASP B 376 24.89 21.15 27.33
CA ASP B 376 25.85 21.91 28.13
C ASP B 376 26.82 21.05 28.97
N VAL B 377 27.58 20.18 28.29
CA VAL B 377 28.50 19.27 28.97
C VAL B 377 29.73 19.09 28.13
N ILE B 378 30.85 18.87 28.81
CA ILE B 378 32.08 18.42 28.19
C ILE B 378 32.48 17.10 28.84
N PRO B 379 33.35 16.32 28.17
CA PRO B 379 33.67 15.02 28.74
C PRO B 379 34.41 15.17 30.05
N SER B 380 34.04 14.33 31.01
CA SER B 380 34.62 14.36 32.34
C SER B 380 35.02 12.94 32.73
C1 EDO C . -12.85 -9.35 4.05
O1 EDO C . -11.94 -8.56 4.79
C2 EDO C . -13.83 -8.47 3.28
O2 EDO C . -14.59 -7.62 4.14
C1 EDO D . -9.99 -1.73 13.04
O1 EDO D . -10.02 -1.89 11.63
C2 EDO D . -8.82 -2.54 13.57
O2 EDO D . -9.14 -3.93 13.56
CA CA E . 27.48 26.23 30.58
#